data_8C3Y
#
_entry.id   8C3Y
#
_cell.length_a   1.00
_cell.length_b   1.00
_cell.length_c   1.00
_cell.angle_alpha   90.00
_cell.angle_beta   90.00
_cell.angle_gamma   90.00
#
_symmetry.space_group_name_H-M   'P 1'
#
_entity_poly.entity_id   1
_entity_poly.type   'polypeptide(L)'
_entity_poly.pdbx_seq_one_letter_code
;MASSASKFSKIVVGNETHKSARNVLEGFAKDIKGKASIDAEKHAYSLKGNLKDAKFNHDFFKIKSDMPGNPCYLDFAFHS
NTPGNQREYRHPCARSMNKNLFNLEGAVCTNSKIKGNEEKINGAGACAPYRRRHICDLNLEHIDVHNVQNIHDLLGNVLV
TAKYEGESIVEKHPNRGSSEVCTALARSFADIGDIIRGKDLYLGHEQGNNKLEARLKTIFQNIKNKNKSPLDKLSLEQVR
EYWWALNREDVWKALTCFADGSEEYFIQSSDKEHSFSSEYCGHEQGNVPTNLDYVPQFLRWFDEWADDFCRIKKIKLENV
KNACRDEKKRKYCSLNGFDCTQTIWKKGVLHRSNECTGCLVKCNPYEIWLGNQREAFRKQKEKYENEIKTYVHDTGISNS
NINNEYYKEFYKILKNNNYETANEFIKLLNEGRYCNKKEKIEEEEDIDFTNTNEKGTFYRSDYCQVCPDCGVECKNETCT
PKTVIYPDCGKNEKYEPPGDAKNTEINVINSGDKEGYIFEKLSEFCTNENNENGKNYEQWKCYYDNKKNNNKCKMEINIA
NSKLKNKITSFDEFFDFWVRKLLIDTIKWETELTYCINNTDVTDCNKCNKNCVCFDKWVKQKEDEWTNIMKLFTNKHDIP
KKYYLNINDLFDSFFFQVIYKFNEGEAKWNELKENLKKQIASSKANNGTKDSEAAIKVLFNHIKEIATICKDNNTNEGCD
PSVDSKTNSCGKNTKAGSDKVISVKQIAQYYKRIAHKQLNERGSRSALKGDASKGTYKKNGTPSNLKEICEITAKHSNDS
RRDGEPCTGKDGGQVRVRTKIGTPWTKIVEINKTSYKEVFLPPRRQHMCTSNLEHLNTGNKGLKDGKLAIHSLLGDVLLA
AKEQANFIKNKYKRQKASNGFKDKGTICRAIRYSYADLGDIIKGTDLWEANPGEKNTQRRLKTVFGIIKKNMPGIKDNQK
YKDDEKNNPPYKLLREDWWEANRDQVWQAMKCAMKNGITCGSSDHTPLDDYIPQKLRWLTEWAEWYCKAQSKEYEKLKEK
CKECKGNDQCTQDTPDCEKCKAACKKYGKNIKTWEDQWKVISSKYKELYKQAEIYAGNGGPGYYNTKVQEEDKPVVDFLY
NLYLQNGGKKGPPPDTHPSKSVTAPLKQVATVDTPSTVYSTPEGYIHQEAAMDCKQQHVFCDDNSGGKDDNKQYAFRHQP
HDYDEALRCDQRDKPPPESKKVEKAKKEKDENDDGGSHHHHHHGGGSAHIVMVDAYKPTK
;
_entity_poly.pdbx_strand_id   A
#
# COMPACT_ATOMS: atom_id res chain seq x y z
N PHE A 8 -27.78 -29.70 20.45
CA PHE A 8 -26.36 -29.31 20.70
C PHE A 8 -25.93 -29.89 22.06
N SER A 9 -25.50 -29.02 22.98
CA SER A 9 -25.03 -29.49 24.31
C SER A 9 -23.88 -30.49 24.12
N LYS A 10 -23.02 -30.22 23.14
CA LYS A 10 -21.86 -31.13 22.85
C LYS A 10 -20.61 -30.52 23.48
N ILE A 11 -19.46 -31.20 23.34
CA ILE A 11 -18.20 -30.58 23.83
C ILE A 11 -17.24 -30.57 22.63
N VAL A 12 -16.93 -29.39 22.08
CA VAL A 12 -16.09 -29.36 20.84
C VAL A 12 -15.06 -28.22 20.90
N VAL A 13 -14.29 -28.03 19.81
CA VAL A 13 -13.22 -26.99 19.73
C VAL A 13 -12.08 -27.20 20.75
N GLY A 14 -11.66 -28.45 20.99
CA GLY A 14 -10.49 -28.73 21.85
C GLY A 14 -10.38 -27.90 23.12
N ASN A 15 -9.28 -27.14 23.28
CA ASN A 15 -9.05 -26.41 24.51
C ASN A 15 -8.80 -27.30 25.74
N GLU A 16 -8.00 -28.35 25.55
CA GLU A 16 -7.61 -29.31 26.59
C GLU A 16 -6.76 -28.76 27.74
N THR A 17 -5.89 -27.79 27.45
CA THR A 17 -4.95 -27.22 28.41
C THR A 17 -5.50 -25.93 29.02
N HIS A 18 -4.78 -25.38 30.01
CA HIS A 18 -5.21 -24.14 30.63
C HIS A 18 -4.32 -22.97 30.18
N LYS A 19 -3.88 -22.10 31.11
CA LYS A 19 -3.17 -20.84 30.85
C LYS A 19 -4.23 -19.90 30.31
N SER A 20 -4.76 -20.23 29.13
CA SER A 20 -5.94 -19.60 28.61
C SER A 20 -5.96 -18.10 28.72
N ALA A 21 -5.20 -17.45 27.85
CA ALA A 21 -5.03 -16.02 27.97
C ALA A 21 -6.31 -15.26 28.02
N ARG A 22 -7.30 -15.69 27.27
CA ARG A 22 -8.52 -14.92 27.29
C ARG A 22 -9.08 -14.83 28.69
N ASN A 23 -9.01 -15.93 29.41
CA ASN A 23 -9.65 -16.03 30.69
C ASN A 23 -8.89 -15.32 31.75
N VAL A 24 -7.56 -15.33 31.65
CA VAL A 24 -6.74 -14.57 32.65
C VAL A 24 -7.01 -13.08 32.46
N LEU A 25 -6.93 -12.58 31.22
CA LEU A 25 -7.18 -11.14 30.93
C LEU A 25 -8.63 -10.82 31.31
N GLU A 26 -9.56 -11.73 31.01
CA GLU A 26 -10.99 -11.52 31.34
C GLU A 26 -11.12 -11.43 32.87
N GLY A 27 -10.38 -12.27 33.60
CA GLY A 27 -10.46 -12.28 35.07
C GLY A 27 -9.79 -11.06 35.68
N PHE A 28 -8.55 -10.76 35.30
CA PHE A 28 -7.82 -9.65 35.90
C PHE A 28 -8.68 -8.41 35.85
N ALA A 29 -9.42 -8.27 34.76
CA ALA A 29 -10.29 -7.14 34.52
C ALA A 29 -11.43 -7.05 35.52
N LYS A 30 -11.71 -8.10 36.30
CA LYS A 30 -12.83 -8.03 37.22
C LYS A 30 -12.65 -6.92 38.26
N ASP A 31 -11.40 -6.57 38.61
CA ASP A 31 -11.26 -5.58 39.65
C ASP A 31 -11.52 -4.18 39.14
N ILE A 32 -11.10 -3.93 37.91
CA ILE A 32 -11.34 -2.64 37.32
C ILE A 32 -12.81 -2.55 36.98
N LYS A 33 -13.42 -3.68 36.60
CA LYS A 33 -14.85 -3.67 36.34
C LYS A 33 -15.56 -3.22 37.59
N GLY A 34 -15.19 -3.78 38.75
CA GLY A 34 -15.84 -3.43 39.99
C GLY A 34 -15.69 -1.95 40.28
N LYS A 35 -14.49 -1.40 40.05
CA LYS A 35 -14.29 0.01 40.28
C LYS A 35 -15.16 0.81 39.33
N ALA A 36 -15.17 0.43 38.06
CA ALA A 36 -15.93 1.14 37.07
C ALA A 36 -17.41 1.12 37.40
N SER A 37 -17.88 0.00 37.92
CA SER A 37 -19.27 -0.13 38.26
C SER A 37 -19.66 0.84 39.34
N ILE A 38 -18.84 0.98 40.39
CA ILE A 38 -19.25 1.86 41.51
C ILE A 38 -19.24 3.33 41.07
N ASP A 39 -18.13 3.84 40.54
CA ASP A 39 -18.05 5.28 40.21
C ASP A 39 -19.09 5.65 39.13
N ALA A 40 -19.34 4.76 38.19
CA ALA A 40 -20.37 5.00 37.14
C ALA A 40 -21.72 5.13 37.83
N GLU A 41 -21.98 4.27 38.82
CA GLU A 41 -23.26 4.32 39.57
C GLU A 41 -23.41 5.71 40.21
N LYS A 42 -22.31 6.28 40.69
CA LYS A 42 -22.37 7.62 41.29
C LYS A 42 -23.06 8.61 40.33
N HIS A 43 -23.06 8.29 39.03
CA HIS A 43 -23.60 9.09 37.96
C HIS A 43 -24.72 8.34 37.25
N ALA A 44 -25.39 7.42 37.98
CA ALA A 44 -26.43 6.53 37.46
C ALA A 44 -27.52 7.30 36.74
N TYR A 45 -27.79 8.51 37.19
CA TYR A 45 -28.78 9.34 36.54
C TYR A 45 -28.61 9.40 35.00
N SER A 46 -27.35 9.53 34.50
CA SER A 46 -27.02 9.68 33.08
C SER A 46 -25.59 9.20 32.85
N HIS A 91 -29.79 -2.22 5.82
CA HIS A 91 -29.48 -3.21 6.89
C HIS A 91 -28.01 -3.03 7.31
N PRO A 92 -27.70 -3.08 8.62
CA PRO A 92 -26.34 -2.87 9.10
C PRO A 92 -25.39 -3.95 8.56
N CYS A 93 -25.86 -5.20 8.51
CA CYS A 93 -25.00 -6.31 8.02
C CYS A 93 -24.84 -6.25 6.50
N ALA A 94 -25.57 -5.38 5.80
CA ALA A 94 -25.46 -5.43 4.35
C ALA A 94 -24.01 -5.43 3.88
N ARG A 95 -23.14 -4.70 4.56
CA ARG A 95 -21.75 -4.58 4.16
C ARG A 95 -20.97 -5.88 4.27
N SER A 96 -21.46 -6.83 5.05
CA SER A 96 -20.81 -8.11 5.25
C SER A 96 -21.84 -9.23 5.20
N MET A 97 -22.94 -9.01 4.47
CA MET A 97 -24.03 -9.98 4.45
C MET A 97 -23.63 -11.34 3.94
N ASN A 98 -22.71 -11.38 2.98
CA ASN A 98 -22.27 -12.61 2.39
C ASN A 98 -20.90 -13.03 2.88
N LYS A 99 -20.48 -12.51 4.04
CA LYS A 99 -19.18 -12.89 4.54
C LYS A 99 -19.29 -13.66 5.84
N ASN A 100 -18.64 -14.82 5.89
CA ASN A 100 -18.70 -15.58 7.11
C ASN A 100 -17.52 -15.18 7.97
N LEU A 101 -17.43 -15.72 9.18
CA LEU A 101 -16.34 -15.28 10.09
C LEU A 101 -15.07 -16.09 9.82
N PHE A 102 -15.20 -17.36 9.42
CA PHE A 102 -14.02 -18.25 9.30
C PHE A 102 -13.36 -18.27 7.91
N ASN A 103 -13.52 -17.21 7.10
CA ASN A 103 -12.80 -17.25 5.81
C ASN A 103 -11.28 -17.26 6.11
N LEU A 104 -10.49 -17.98 5.32
CA LEU A 104 -9.04 -18.10 5.62
C LEU A 104 -8.30 -16.85 5.15
N GLU A 105 -8.50 -15.72 5.84
CA GLU A 105 -7.78 -14.49 5.48
C GLU A 105 -6.88 -14.08 6.62
N GLY A 106 -5.81 -13.34 6.33
CA GLY A 106 -4.92 -12.88 7.38
C GLY A 106 -5.45 -11.60 8.01
N ALA A 107 -4.66 -11.03 8.92
CA ALA A 107 -5.02 -9.80 9.64
C ALA A 107 -4.80 -8.58 8.79
N VAL A 108 -5.49 -7.49 9.15
CA VAL A 108 -5.27 -6.25 8.43
C VAL A 108 -4.35 -5.34 9.25
N CYS A 109 -3.23 -4.91 8.63
CA CYS A 109 -2.16 -4.12 9.25
C CYS A 109 -2.04 -2.77 8.55
N THR A 110 -3.15 -2.31 7.97
CA THR A 110 -3.21 -1.07 7.24
C THR A 110 -3.29 0.16 8.13
N ASN A 111 -2.32 1.06 7.94
CA ASN A 111 -2.22 2.27 8.76
C ASN A 111 -3.33 3.28 8.49
N SER A 112 -3.89 3.26 7.29
CA SER A 112 -4.95 4.19 6.95
C SER A 112 -6.28 3.81 7.59
N LYS A 113 -6.39 2.59 8.13
CA LYS A 113 -7.63 2.16 8.76
C LYS A 113 -7.49 1.96 10.26
N ILE A 114 -6.31 1.56 10.70
CA ILE A 114 -6.10 1.21 12.10
C ILE A 114 -5.28 2.27 12.83
N LYS A 115 -5.87 2.80 13.87
CA LYS A 115 -5.24 3.86 14.63
C LYS A 115 -4.19 3.33 15.57
N GLY A 116 -3.22 4.17 15.90
CA GLY A 116 -2.22 3.79 16.88
C GLY A 116 -1.06 2.94 16.33
N ASN A 117 -0.92 2.99 14.96
CA ASN A 117 0.24 2.31 14.33
C ASN A 117 1.16 3.41 13.81
N GLU A 118 2.30 3.61 14.46
CA GLU A 118 3.18 4.74 14.07
C GLU A 118 3.64 4.53 12.63
N GLU A 119 3.68 5.60 11.84
CA GLU A 119 4.18 5.48 10.45
C GLU A 119 5.61 4.96 10.50
N LYS A 120 6.13 4.71 11.71
CA LYS A 120 7.53 4.23 11.83
C LYS A 120 7.79 2.90 11.12
N ILE A 121 9.06 2.60 10.81
CA ILE A 121 9.40 1.34 10.20
C ILE A 121 9.60 0.23 11.21
N ASN A 122 9.03 -0.93 10.90
CA ASN A 122 9.13 -2.13 11.72
C ASN A 122 8.64 -2.09 13.18
N GLY A 123 7.47 -1.52 13.43
CA GLY A 123 6.95 -1.52 14.79
C GLY A 123 5.54 -0.94 14.94
N ALA A 124 5.09 -0.89 16.20
CA ALA A 124 3.79 -0.41 16.68
C ALA A 124 2.58 -1.10 16.06
N GLY A 125 2.60 -2.38 15.82
CA GLY A 125 1.44 -2.99 15.18
C GLY A 125 0.22 -3.22 16.08
N ALA A 126 -0.96 -3.06 15.51
CA ALA A 126 -2.22 -3.43 16.16
C ALA A 126 -3.19 -3.98 15.13
N CYS A 127 -2.83 -5.08 14.44
CA CYS A 127 -3.55 -5.59 13.27
C CYS A 127 -4.96 -6.09 13.67
N ALA A 128 -5.95 -5.60 12.95
CA ALA A 128 -7.33 -5.90 13.30
C ALA A 128 -7.71 -7.31 12.83
N PRO A 129 -8.57 -8.00 13.59
CA PRO A 129 -9.12 -9.30 13.28
C PRO A 129 -10.15 -9.21 12.17
N TYR A 130 -10.38 -10.34 11.54
CA TYR A 130 -11.36 -10.46 10.48
C TYR A 130 -12.72 -10.00 10.95
N ARG A 131 -13.13 -10.44 12.12
CA ARG A 131 -14.43 -10.05 12.63
C ARG A 131 -14.58 -8.55 12.76
N ARG A 132 -13.58 -7.85 13.29
CA ARG A 132 -13.73 -6.41 13.46
C ARG A 132 -14.13 -5.74 12.16
N ARG A 133 -13.48 -6.17 11.09
CA ARG A 133 -13.74 -5.64 9.75
C ARG A 133 -15.13 -5.91 9.21
N HIS A 134 -15.83 -6.86 9.77
CA HIS A 134 -17.13 -7.26 9.26
C HIS A 134 -18.30 -7.05 10.22
N ILE A 135 -18.13 -6.18 11.23
CA ILE A 135 -19.21 -5.91 12.20
C ILE A 135 -20.41 -5.26 11.51
N CYS A 136 -21.66 -5.70 11.83
CA CYS A 136 -22.91 -5.19 11.25
C CYS A 136 -23.22 -3.79 11.84
N ASP A 137 -22.36 -2.83 11.51
CA ASP A 137 -22.44 -1.49 12.04
C ASP A 137 -22.98 -0.42 11.11
N LEU A 138 -23.67 -0.75 10.03
CA LEU A 138 -24.12 0.36 9.17
C LEU A 138 -25.11 1.23 9.95
N ASN A 139 -25.87 0.64 10.87
CA ASN A 139 -26.81 1.41 11.64
C ASN A 139 -26.09 2.33 12.62
N LEU A 140 -24.82 2.07 12.89
CA LEU A 140 -24.11 2.94 13.79
C LEU A 140 -23.56 4.08 12.95
N GLU A 141 -23.18 3.79 11.71
CA GLU A 141 -22.64 4.82 10.83
C GLU A 141 -23.70 5.88 10.56
N HIS A 142 -24.96 5.46 10.53
CA HIS A 142 -26.05 6.36 10.24
C HIS A 142 -26.51 7.17 11.45
N ILE A 143 -25.82 7.07 12.59
CA ILE A 143 -26.19 7.86 13.74
C ILE A 143 -25.86 9.32 13.52
N ASP A 144 -26.87 10.15 13.74
CA ASP A 144 -26.74 11.58 13.62
C ASP A 144 -26.79 12.23 14.99
N VAL A 145 -26.12 13.35 15.09
CA VAL A 145 -26.05 14.18 16.27
C VAL A 145 -27.39 14.83 16.46
N HIS A 146 -27.98 15.25 15.35
CA HIS A 146 -29.26 15.90 15.38
C HIS A 146 -30.32 14.97 15.97
N ASN A 147 -30.31 13.72 15.52
CA ASN A 147 -31.31 12.77 15.98
C ASN A 147 -31.10 12.19 17.38
N VAL A 148 -29.85 12.00 17.82
CA VAL A 148 -29.69 11.40 19.15
C VAL A 148 -29.56 12.46 20.22
N GLN A 149 -30.57 12.53 21.07
CA GLN A 149 -30.58 13.54 22.11
C GLN A 149 -30.52 12.96 23.50
N ASN A 150 -31.17 11.82 23.68
CA ASN A 150 -31.31 11.18 24.97
C ASN A 150 -30.35 10.01 25.15
N ILE A 151 -30.12 9.62 26.40
CA ILE A 151 -29.31 8.44 26.64
C ILE A 151 -30.01 7.20 26.06
N HIS A 152 -31.34 7.24 25.99
CA HIS A 152 -32.12 6.15 25.45
C HIS A 152 -32.06 6.11 23.93
N ASP A 153 -31.65 7.21 23.30
CA ASP A 153 -31.59 7.23 21.86
C ASP A 153 -30.30 6.49 21.52
N LEU A 154 -29.28 6.71 22.35
CA LEU A 154 -28.02 5.99 22.14
C LEU A 154 -28.27 4.51 22.35
N LEU A 155 -29.05 4.18 23.39
CA LEU A 155 -29.31 2.78 23.63
C LEU A 155 -30.09 2.20 22.50
N GLY A 156 -31.05 2.92 21.96
CA GLY A 156 -31.78 2.35 20.86
C GLY A 156 -30.83 1.92 19.75
N ASN A 157 -29.93 2.81 19.33
CA ASN A 157 -29.07 2.45 18.23
C ASN A 157 -28.08 1.32 18.55
N VAL A 158 -27.59 1.31 19.78
CA VAL A 158 -26.64 0.29 20.19
C VAL A 158 -27.30 -1.06 20.37
N LEU A 159 -28.45 -1.08 21.02
CA LEU A 159 -29.14 -2.31 21.31
C LEU A 159 -29.61 -2.95 20.03
N VAL A 160 -30.06 -2.14 19.06
CA VAL A 160 -30.46 -2.70 17.79
C VAL A 160 -29.28 -3.30 17.10
N THR A 161 -28.15 -2.59 17.10
CA THR A 161 -26.97 -3.10 16.47
C THR A 161 -26.59 -4.41 17.11
N ALA A 162 -26.62 -4.47 18.45
CA ALA A 162 -26.25 -5.68 19.14
C ALA A 162 -27.16 -6.85 18.76
N LYS A 163 -28.46 -6.61 18.61
CA LYS A 163 -29.31 -7.74 18.22
C LYS A 163 -28.96 -8.27 16.84
N TYR A 164 -28.68 -7.37 15.90
CA TYR A 164 -28.35 -7.86 14.56
C TYR A 164 -26.97 -8.47 14.51
N GLU A 165 -26.04 -7.95 15.31
CA GLU A 165 -24.71 -8.47 15.34
C GLU A 165 -24.77 -9.85 15.94
N GLY A 166 -25.61 -10.01 16.95
CA GLY A 166 -25.79 -11.27 17.61
C GLY A 166 -26.26 -12.29 16.62
N GLU A 167 -27.33 -11.97 15.87
CA GLU A 167 -27.83 -12.93 14.92
C GLU A 167 -26.77 -13.29 13.91
N SER A 168 -26.03 -12.30 13.41
CA SER A 168 -25.03 -12.59 12.41
C SER A 168 -23.96 -13.54 12.93
N ILE A 169 -23.47 -13.27 14.12
CA ILE A 169 -22.42 -14.12 14.66
C ILE A 169 -22.90 -15.53 14.88
N VAL A 170 -24.06 -15.71 15.47
CA VAL A 170 -24.41 -17.09 15.75
C VAL A 170 -24.81 -17.87 14.49
N GLU A 171 -25.55 -17.23 13.57
CA GLU A 171 -26.04 -17.93 12.40
C GLU A 171 -24.94 -18.37 11.46
N LYS A 172 -23.85 -17.62 11.41
CA LYS A 172 -22.76 -17.98 10.53
C LYS A 172 -21.82 -19.03 11.15
N HIS A 173 -21.99 -19.43 12.40
CA HIS A 173 -21.06 -20.37 12.99
C HIS A 173 -21.44 -21.84 12.90
N PRO A 174 -20.60 -22.70 12.31
CA PRO A 174 -20.79 -24.14 12.23
C PRO A 174 -20.30 -24.72 13.54
N ASN A 175 -20.81 -24.21 14.66
CA ASN A 175 -20.21 -24.64 15.95
C ASN A 175 -21.25 -25.13 16.96
N ARG A 176 -21.43 -24.40 18.07
CA ARG A 176 -22.32 -24.86 19.17
C ARG A 176 -21.47 -25.84 20.01
N GLY A 177 -22.05 -26.47 21.03
CA GLY A 177 -21.31 -27.47 21.81
C GLY A 177 -19.97 -26.93 22.29
N SER A 178 -19.74 -25.62 22.20
CA SER A 178 -18.53 -25.04 22.72
C SER A 178 -18.88 -23.64 23.07
N SER A 179 -17.98 -22.98 23.75
CA SER A 179 -18.15 -21.61 24.13
C SER A 179 -17.71 -20.65 23.03
N GLU A 180 -17.23 -21.18 21.91
CA GLU A 180 -16.70 -20.37 20.82
C GLU A 180 -17.70 -19.37 20.29
N VAL A 181 -18.97 -19.74 20.21
CA VAL A 181 -19.93 -18.78 19.66
C VAL A 181 -20.08 -17.56 20.58
N CYS A 182 -20.24 -17.79 21.91
CA CYS A 182 -20.39 -16.72 22.88
C CYS A 182 -19.05 -16.06 23.18
N THR A 183 -17.94 -16.73 22.89
CA THR A 183 -16.66 -16.10 23.01
C THR A 183 -16.62 -15.00 21.96
N ALA A 184 -17.06 -15.34 20.74
CA ALA A 184 -17.10 -14.35 19.69
C ALA A 184 -18.06 -13.24 20.04
N LEU A 185 -19.19 -13.56 20.69
CA LEU A 185 -20.10 -12.50 21.04
C LEU A 185 -19.45 -11.61 22.08
N ALA A 186 -18.73 -12.19 23.03
CA ALA A 186 -18.07 -11.38 24.04
C ALA A 186 -17.03 -10.48 23.43
N ARG A 187 -16.30 -10.97 22.43
CA ARG A 187 -15.32 -10.14 21.78
C ARG A 187 -16.01 -9.00 21.05
N SER A 188 -17.15 -9.29 20.42
CA SER A 188 -17.91 -8.26 19.75
C SER A 188 -18.42 -7.22 20.74
N PHE A 189 -18.92 -7.68 21.88
CA PHE A 189 -19.44 -6.82 22.91
C PHE A 189 -18.40 -5.82 23.31
N ALA A 190 -17.19 -6.30 23.55
CA ALA A 190 -16.12 -5.41 23.93
C ALA A 190 -15.83 -4.40 22.82
N ASP A 191 -15.85 -4.80 21.54
CA ASP A 191 -15.62 -3.81 20.50
C ASP A 191 -16.77 -2.83 20.42
N ILE A 192 -17.98 -3.28 20.70
CA ILE A 192 -19.10 -2.36 20.64
C ILE A 192 -18.83 -1.28 21.68
N GLY A 193 -18.42 -1.67 22.88
CA GLY A 193 -18.12 -0.70 23.91
C GLY A 193 -16.99 0.23 23.52
N ASP A 194 -15.98 -0.28 22.80
CA ASP A 194 -14.86 0.56 22.40
C ASP A 194 -15.29 1.60 21.39
N ILE A 195 -16.24 1.23 20.52
CA ILE A 195 -16.70 2.19 19.54
C ILE A 195 -17.44 3.30 20.26
N ILE A 196 -18.31 2.92 21.16
CA ILE A 196 -19.14 3.84 21.93
C ILE A 196 -18.33 4.77 22.78
N ARG A 197 -17.31 4.25 23.41
CA ARG A 197 -16.47 4.98 24.31
C ARG A 197 -15.39 5.80 23.61
N GLY A 198 -15.26 5.68 22.28
CA GLY A 198 -14.23 6.40 21.55
C GLY A 198 -12.83 5.82 21.73
N LYS A 199 -12.73 4.53 22.02
CA LYS A 199 -11.44 3.92 22.25
C LYS A 199 -11.05 2.92 21.19
N ASP A 200 -11.85 2.84 20.13
CA ASP A 200 -11.67 1.90 19.04
C ASP A 200 -10.56 2.26 18.08
N LEU A 201 -9.55 1.38 17.99
CA LEU A 201 -8.42 1.61 17.06
C LEU A 201 -8.92 1.55 15.62
N TYR A 202 -9.89 0.68 15.36
CA TYR A 202 -10.39 0.51 13.97
C TYR A 202 -11.51 1.52 13.68
N LYS A 211 -15.52 9.12 10.66
CA LYS A 211 -16.22 10.35 11.07
C LYS A 211 -17.31 10.12 12.16
N LEU A 212 -17.72 8.83 12.38
CA LEU A 212 -18.73 8.45 13.39
C LEU A 212 -18.26 8.76 14.78
N GLU A 213 -16.99 8.56 15.03
CA GLU A 213 -16.44 8.82 16.34
C GLU A 213 -16.70 10.26 16.74
N ALA A 214 -16.53 11.19 15.78
CA ALA A 214 -16.75 12.58 16.09
C ALA A 214 -18.21 12.84 16.42
N ARG A 215 -19.10 12.16 15.70
CA ARG A 215 -20.51 12.33 15.97
C ARG A 215 -20.85 11.79 17.35
N LEU A 216 -20.28 10.66 17.71
CA LEU A 216 -20.58 10.08 19.00
C LEU A 216 -20.04 10.96 20.12
N LYS A 217 -18.85 11.54 19.93
CA LYS A 217 -18.32 12.43 20.95
C LYS A 217 -19.20 13.63 21.08
N THR A 218 -19.69 14.14 19.95
CA THR A 218 -20.55 15.31 19.94
C THR A 218 -21.84 15.02 20.71
N ILE A 219 -22.41 13.84 20.50
CA ILE A 219 -23.62 13.44 21.20
C ILE A 219 -23.38 13.38 22.69
N PHE A 220 -22.27 12.77 23.10
CA PHE A 220 -22.01 12.71 24.52
C PHE A 220 -21.77 14.10 25.11
N GLN A 221 -21.14 15.00 24.36
CA GLN A 221 -20.94 16.36 24.83
C GLN A 221 -22.28 17.03 24.98
N ASN A 222 -23.21 16.78 24.06
CA ASN A 222 -24.52 17.40 24.17
C ASN A 222 -25.24 16.88 25.40
N ILE A 223 -25.08 15.59 25.70
CA ILE A 223 -25.73 15.03 26.89
C ILE A 223 -25.13 15.66 28.14
N LYS A 224 -23.80 15.74 28.17
CA LYS A 224 -23.02 16.31 29.26
C LYS A 224 -23.35 17.78 29.49
N ASN A 225 -23.56 18.53 28.41
CA ASN A 225 -23.85 19.94 28.53
C ASN A 225 -25.31 20.21 28.91
N LYS A 226 -26.24 19.39 28.42
CA LYS A 226 -27.65 19.55 28.75
C LYS A 226 -27.95 19.16 30.19
N ASN A 227 -27.24 18.16 30.70
CA ASN A 227 -27.44 17.69 32.06
C ASN A 227 -26.13 17.80 32.79
N LYS A 228 -25.80 19.03 33.17
CA LYS A 228 -24.50 19.26 33.75
C LYS A 228 -24.39 18.54 35.07
N SER A 229 -25.42 18.60 35.89
CA SER A 229 -25.37 17.88 37.13
C SER A 229 -25.88 16.48 36.84
N PRO A 230 -25.21 15.42 37.30
CA PRO A 230 -23.96 15.29 38.06
C PRO A 230 -22.69 15.24 37.18
N LEU A 231 -22.85 15.34 35.87
CA LEU A 231 -21.80 15.08 34.91
C LEU A 231 -20.77 16.21 34.80
N ASP A 232 -21.01 17.32 35.48
CA ASP A 232 -20.13 18.48 35.46
C ASP A 232 -18.84 18.20 36.19
N LYS A 233 -18.81 17.13 36.97
CA LYS A 233 -17.61 16.76 37.70
C LYS A 233 -16.75 15.81 36.87
N LEU A 234 -17.22 15.46 35.68
CA LEU A 234 -16.55 14.50 34.84
C LEU A 234 -15.93 15.03 33.56
N SER A 235 -14.89 14.33 33.13
CA SER A 235 -14.30 14.57 31.83
C SER A 235 -15.25 13.95 30.82
N LEU A 236 -15.10 14.26 29.55
CA LEU A 236 -15.99 13.65 28.57
C LEU A 236 -15.79 12.14 28.52
N GLU A 237 -14.55 11.70 28.69
CA GLU A 237 -14.23 10.29 28.63
C GLU A 237 -14.91 9.56 29.76
N GLN A 238 -14.94 10.16 30.95
CA GLN A 238 -15.62 9.56 32.09
C GLN A 238 -17.11 9.47 31.84
N VAL A 239 -17.68 10.50 31.18
CA VAL A 239 -19.10 10.45 30.89
C VAL A 239 -19.39 9.27 29.97
N ARG A 240 -18.55 9.09 28.93
CA ARG A 240 -18.79 7.99 28.01
C ARG A 240 -18.60 6.64 28.68
N GLU A 241 -17.58 6.52 29.53
CA GLU A 241 -17.29 5.26 30.18
C GLU A 241 -18.42 4.87 31.10
N TYR A 242 -18.97 5.84 31.82
CA TYR A 242 -20.01 5.53 32.75
C TYR A 242 -21.28 5.17 32.03
N TRP A 243 -21.59 5.85 30.92
CA TRP A 243 -22.79 5.50 30.20
C TRP A 243 -22.70 4.03 29.83
N TRP A 244 -21.55 3.64 29.29
CA TRP A 244 -21.35 2.27 28.92
C TRP A 244 -21.51 1.35 30.11
N ALA A 245 -20.82 1.66 31.22
CA ALA A 245 -20.82 0.82 32.41
C ALA A 245 -22.21 0.62 32.98
N LEU A 246 -23.03 1.65 32.93
CA LEU A 246 -24.38 1.61 33.45
C LEU A 246 -25.30 0.74 32.61
N ASN A 247 -25.06 0.69 31.31
CA ASN A 247 -25.93 -0.05 30.42
C ASN A 247 -25.34 -1.35 29.84
N ARG A 248 -24.25 -1.84 30.43
CA ARG A 248 -23.61 -3.04 29.90
C ARG A 248 -24.54 -4.22 29.81
N GLU A 249 -25.42 -4.34 30.79
CA GLU A 249 -26.36 -5.45 30.84
C GLU A 249 -27.38 -5.43 29.74
N ASP A 250 -27.81 -4.25 29.29
CA ASP A 250 -28.83 -4.21 28.28
C ASP A 250 -28.21 -4.54 26.95
N VAL A 251 -26.97 -4.08 26.77
CA VAL A 251 -26.30 -4.34 25.52
C VAL A 251 -25.99 -5.82 25.43
N TRP A 252 -25.51 -6.40 26.52
CA TRP A 252 -25.22 -7.81 26.52
C TRP A 252 -26.46 -8.62 26.19
N LYS A 253 -27.56 -8.34 26.90
CA LYS A 253 -28.79 -9.08 26.68
C LYS A 253 -29.23 -8.99 25.23
N ALA A 254 -29.10 -7.80 24.63
CA ALA A 254 -29.46 -7.64 23.23
C ALA A 254 -28.57 -8.53 22.35
N LEU A 255 -27.28 -8.55 22.65
CA LEU A 255 -26.34 -9.32 21.84
C LEU A 255 -26.57 -10.82 21.92
N THR A 256 -27.01 -11.31 23.07
CA THR A 256 -27.21 -12.74 23.28
C THR A 256 -28.65 -13.18 23.02
N CYS A 257 -29.49 -12.32 22.43
CA CYS A 257 -30.87 -12.70 22.16
C CYS A 257 -30.98 -13.93 21.27
N PHE A 258 -30.04 -14.09 20.34
CA PHE A 258 -30.07 -15.21 19.45
C PHE A 258 -29.07 -16.24 19.93
N ALA A 259 -29.54 -17.26 20.61
CA ALA A 259 -28.64 -18.25 21.18
C ALA A 259 -29.40 -19.53 21.47
N ASP A 260 -28.71 -20.67 21.53
CA ASP A 260 -29.34 -21.89 22.00
C ASP A 260 -29.31 -21.89 23.52
N GLY A 261 -30.27 -22.56 24.14
CA GLY A 261 -30.24 -22.65 25.59
C GLY A 261 -28.97 -23.32 26.10
N SER A 262 -28.42 -24.28 25.33
CA SER A 262 -27.23 -25.02 25.71
C SER A 262 -25.96 -24.19 25.69
N GLU A 263 -26.01 -22.99 25.12
CA GLU A 263 -24.81 -22.18 25.07
C GLU A 263 -24.66 -21.44 26.38
N GLU A 264 -23.46 -21.52 26.95
CA GLU A 264 -23.15 -20.84 28.20
C GLU A 264 -21.83 -20.10 28.06
N TYR A 265 -21.75 -18.92 28.61
CA TYR A 265 -20.49 -18.22 28.58
C TYR A 265 -19.62 -18.88 29.63
N PHE A 266 -18.39 -19.17 29.28
CA PHE A 266 -17.54 -19.86 30.23
C PHE A 266 -16.18 -19.26 30.50
N ILE A 267 -15.85 -19.19 31.79
CA ILE A 267 -14.56 -18.71 32.21
C ILE A 267 -13.68 -19.77 32.90
N GLN A 268 -12.50 -19.95 32.33
CA GLN A 268 -11.51 -20.87 32.86
C GLN A 268 -10.70 -20.16 33.92
N SER A 269 -11.30 -19.99 35.09
CA SER A 269 -10.66 -19.24 36.18
C SER A 269 -9.36 -19.93 36.57
N SER A 270 -9.38 -21.25 36.56
CA SER A 270 -8.21 -22.06 36.86
C SER A 270 -8.43 -23.39 36.19
N ASP A 271 -7.51 -24.31 36.32
CA ASP A 271 -7.70 -25.63 35.76
C ASP A 271 -8.73 -26.45 36.56
N LYS A 272 -9.05 -25.99 37.79
CA LYS A 272 -9.99 -26.67 38.68
C LYS A 272 -11.28 -25.86 38.88
N GLU A 273 -11.17 -24.54 38.78
CA GLU A 273 -12.30 -23.64 38.97
C GLU A 273 -12.90 -23.27 37.62
N HIS A 274 -14.16 -23.63 37.45
CA HIS A 274 -14.83 -23.44 36.17
C HIS A 274 -16.16 -22.71 36.36
N SER A 275 -16.24 -21.47 35.86
CA SER A 275 -17.42 -20.63 36.07
C SER A 275 -18.31 -20.51 34.84
N PHE A 276 -19.58 -20.89 35.00
CA PHE A 276 -20.49 -20.88 33.86
C PHE A 276 -21.67 -19.94 34.05
N SER A 277 -22.03 -19.30 32.96
CA SER A 277 -23.20 -18.43 32.89
C SER A 277 -24.48 -19.23 32.76
N SER A 278 -25.59 -18.53 32.88
CA SER A 278 -26.91 -19.15 32.77
C SER A 278 -27.31 -19.46 31.33
N GLU A 279 -28.42 -20.18 31.21
CA GLU A 279 -28.97 -20.63 29.94
C GLU A 279 -29.04 -19.46 28.95
N TYR A 280 -28.63 -19.73 27.71
CA TYR A 280 -28.52 -18.72 26.62
C TYR A 280 -27.45 -17.63 26.89
N CYS A 281 -26.25 -18.03 27.39
CA CYS A 281 -25.08 -17.19 27.68
C CYS A 281 -25.41 -15.96 28.51
N GLY A 282 -26.19 -16.17 29.53
CA GLY A 282 -26.56 -15.11 30.42
C GLY A 282 -27.70 -14.19 29.97
N HIS A 283 -28.40 -14.49 28.88
CA HIS A 283 -29.48 -13.61 28.41
C HIS A 283 -30.47 -13.27 29.53
N GLU A 284 -30.81 -14.24 30.37
CA GLU A 284 -31.77 -14.05 31.46
C GLU A 284 -31.10 -13.82 32.83
N GLN A 285 -29.78 -13.63 32.83
CA GLN A 285 -28.95 -13.47 34.03
C GLN A 285 -28.96 -12.04 34.56
N GLY A 286 -28.69 -11.90 35.85
CA GLY A 286 -28.67 -10.60 36.53
C GLY A 286 -27.36 -9.82 36.36
N ASN A 287 -26.43 -10.33 35.58
CA ASN A 287 -25.17 -9.66 35.35
C ASN A 287 -24.62 -10.04 33.98
N VAL A 288 -23.71 -9.23 33.48
CA VAL A 288 -23.03 -9.60 32.26
C VAL A 288 -22.00 -10.63 32.70
N PRO A 289 -21.94 -11.83 32.10
CA PRO A 289 -21.04 -12.90 32.44
C PRO A 289 -19.60 -12.62 32.05
N THR A 290 -19.39 -11.63 31.20
CA THR A 290 -18.06 -11.32 30.72
C THR A 290 -17.56 -9.93 31.09
N ASN A 291 -16.27 -9.87 31.36
CA ASN A 291 -15.54 -8.63 31.61
C ASN A 291 -14.62 -8.22 30.45
N LEU A 292 -14.79 -8.75 29.24
CA LEU A 292 -13.84 -8.37 28.20
C LEU A 292 -13.85 -6.90 27.83
N ASP A 293 -14.99 -6.25 27.88
CA ASP A 293 -15.06 -4.84 27.40
C ASP A 293 -13.94 -4.04 28.09
N TYR A 294 -13.72 -4.29 29.38
CA TYR A 294 -12.65 -3.56 30.12
C TYR A 294 -11.28 -3.89 29.54
N VAL A 295 -11.04 -5.15 29.16
CA VAL A 295 -9.71 -5.57 28.64
C VAL A 295 -9.32 -4.63 27.48
N PRO A 296 -8.14 -3.95 27.55
CA PRO A 296 -7.74 -3.05 26.50
C PRO A 296 -7.85 -3.70 25.14
N GLN A 297 -8.28 -2.93 24.15
CA GLN A 297 -8.50 -3.46 22.82
C GLN A 297 -7.25 -4.03 22.22
N PHE A 298 -6.13 -3.41 22.47
CA PHE A 298 -4.90 -3.94 21.91
C PHE A 298 -4.66 -5.36 22.37
N LEU A 299 -4.78 -5.58 23.68
CA LEU A 299 -4.59 -6.93 24.25
C LEU A 299 -5.60 -7.90 23.63
N ARG A 300 -6.88 -7.51 23.59
CA ARG A 300 -7.93 -8.43 23.08
C ARG A 300 -7.66 -8.76 21.60
N TRP A 301 -7.26 -7.75 20.82
CA TRP A 301 -6.99 -7.96 19.38
C TRP A 301 -5.82 -8.95 19.25
N PHE A 302 -4.83 -8.86 20.14
CA PHE A 302 -3.69 -9.73 20.04
C PHE A 302 -4.20 -11.17 20.28
N ASP A 303 -5.07 -11.35 21.27
CA ASP A 303 -5.63 -12.66 21.56
C ASP A 303 -6.52 -13.17 20.44
N GLU A 304 -7.38 -12.33 19.88
CA GLU A 304 -8.23 -12.80 18.81
C GLU A 304 -7.38 -13.16 17.62
N TRP A 305 -6.33 -12.37 17.39
CA TRP A 305 -5.43 -12.61 16.31
C TRP A 305 -4.83 -13.96 16.45
N ALA A 306 -4.37 -14.32 17.64
CA ALA A 306 -3.79 -15.63 17.78
C ALA A 306 -4.80 -16.69 17.41
N ASP A 307 -6.06 -16.55 17.82
CA ASP A 307 -6.98 -17.60 17.40
C ASP A 307 -7.11 -17.68 15.88
N ASP A 308 -7.15 -16.54 15.18
CA ASP A 308 -7.26 -16.66 13.74
C ASP A 308 -6.01 -17.28 13.17
N PHE A 309 -4.85 -16.89 13.67
CA PHE A 309 -3.64 -17.48 13.14
C PHE A 309 -3.62 -18.99 13.32
N CYS A 310 -3.92 -19.48 14.54
CA CYS A 310 -3.92 -20.89 14.94
C CYS A 310 -4.84 -21.70 14.03
N ARG A 311 -6.08 -21.22 13.90
CA ARG A 311 -7.10 -21.89 13.13
C ARG A 311 -6.80 -21.94 11.66
N ILE A 312 -6.38 -20.81 11.11
CA ILE A 312 -6.15 -20.77 9.69
C ILE A 312 -4.92 -21.55 9.35
N LYS A 313 -3.84 -21.40 10.11
CA LYS A 313 -2.66 -22.17 9.77
C LYS A 313 -3.01 -23.64 9.72
N LYS A 314 -3.76 -24.15 10.69
CA LYS A 314 -4.05 -25.57 10.64
C LYS A 314 -4.87 -25.97 9.42
N ILE A 315 -5.85 -25.15 9.04
CA ILE A 315 -6.64 -25.51 7.87
C ILE A 315 -5.82 -25.46 6.60
N LYS A 316 -5.06 -24.38 6.42
CA LYS A 316 -4.27 -24.26 5.22
C LYS A 316 -3.22 -25.34 5.16
N LEU A 317 -2.65 -25.70 6.32
CA LEU A 317 -1.64 -26.72 6.34
C LEU A 317 -2.19 -28.05 5.91
N GLU A 318 -3.40 -28.41 6.34
CA GLU A 318 -3.94 -29.69 5.90
C GLU A 318 -4.17 -29.69 4.40
N ASN A 319 -4.60 -28.56 3.85
CA ASN A 319 -4.83 -28.50 2.43
C ASN A 319 -3.52 -28.66 1.67
N VAL A 320 -2.44 -28.07 2.18
CA VAL A 320 -1.13 -28.21 1.56
C VAL A 320 -0.66 -29.63 1.65
N LYS A 321 -0.81 -30.25 2.80
CA LYS A 321 -0.33 -31.61 2.89
C LYS A 321 -1.00 -32.49 1.86
N ASN A 322 -2.31 -32.34 1.66
CA ASN A 322 -2.93 -33.22 0.69
C ASN A 322 -2.41 -32.94 -0.72
N ALA A 323 -2.16 -31.66 -0.98
CA ALA A 323 -1.64 -31.19 -2.24
C ALA A 323 -0.23 -31.69 -2.57
N CYS A 324 0.66 -31.89 -1.56
CA CYS A 324 2.07 -32.23 -1.79
C CYS A 324 2.41 -33.68 -1.48
N ARG A 325 1.93 -34.26 -0.38
CA ARG A 325 2.43 -35.60 -0.05
C ARG A 325 1.40 -36.62 0.38
N ASP A 326 1.58 -37.84 -0.10
CA ASP A 326 0.73 -38.98 0.26
C ASP A 326 1.44 -40.31 0.01
N GLU A 327 1.57 -41.13 1.04
CA GLU A 327 2.22 -42.42 0.83
C GLU A 327 1.37 -43.22 -0.16
N LYS A 328 0.06 -43.07 -0.09
CA LYS A 328 -0.77 -43.80 -1.02
C LYS A 328 -0.47 -43.22 -2.39
N LYS A 329 -0.18 -44.10 -3.34
CA LYS A 329 0.20 -43.74 -4.71
C LYS A 329 1.56 -43.03 -4.80
N ARG A 330 2.37 -43.05 -3.74
CA ARG A 330 3.70 -42.47 -3.77
C ARG A 330 3.77 -41.04 -4.29
N LYS A 331 2.95 -40.16 -3.76
CA LYS A 331 2.95 -38.76 -4.17
C LYS A 331 4.01 -38.03 -3.37
N TYR A 332 4.99 -37.45 -4.05
CA TYR A 332 6.05 -36.76 -3.33
C TYR A 332 6.46 -35.51 -4.11
N CYS A 333 5.67 -34.41 -3.96
CA CYS A 333 5.83 -33.18 -4.71
C CYS A 333 6.74 -32.18 -4.00
N SER A 334 7.41 -31.40 -4.84
CA SER A 334 8.27 -30.29 -4.45
C SER A 334 7.54 -28.97 -4.50
N LEU A 335 8.16 -27.98 -3.89
CA LEU A 335 7.66 -26.63 -3.84
C LEU A 335 7.32 -26.01 -5.15
N ASN A 336 8.11 -26.29 -6.16
CA ASN A 336 7.91 -25.61 -7.41
C ASN A 336 6.98 -26.35 -8.35
N GLY A 337 6.32 -27.41 -7.88
CA GLY A 337 5.39 -28.11 -8.76
C GLY A 337 5.99 -29.31 -9.48
N PHE A 338 7.06 -29.85 -8.95
CA PHE A 338 7.67 -30.99 -9.59
C PHE A 338 7.44 -32.28 -8.80
N ASP A 339 7.32 -33.37 -9.55
CA ASP A 339 7.17 -34.74 -9.03
C ASP A 339 8.58 -35.30 -8.82
N CYS A 340 9.03 -35.52 -7.56
CA CYS A 340 10.39 -35.97 -7.25
C CYS A 340 10.45 -37.49 -7.13
N THR A 341 11.53 -38.05 -7.64
CA THR A 341 11.75 -39.50 -7.66
C THR A 341 10.61 -40.11 -8.46
N GLN A 342 10.27 -39.44 -9.56
CA GLN A 342 9.18 -39.94 -10.44
C GLN A 342 9.78 -40.80 -11.55
N THR A 343 8.94 -41.52 -12.29
CA THR A 343 9.45 -42.32 -13.44
C THR A 343 10.02 -41.35 -14.48
N ILE A 344 11.15 -41.71 -15.10
CA ILE A 344 11.80 -40.82 -16.10
C ILE A 344 12.30 -41.67 -17.28
N ASN A 354 2.78 -33.14 -13.79
CA ASN A 354 1.41 -32.81 -14.20
C ASN A 354 0.51 -32.55 -12.97
N GLU A 355 0.46 -33.53 -12.04
CA GLU A 355 -0.32 -33.51 -10.79
C GLU A 355 0.19 -32.52 -9.70
N CYS A 356 1.53 -32.37 -9.57
CA CYS A 356 2.22 -31.58 -8.55
C CYS A 356 2.04 -30.09 -8.68
N THR A 357 1.40 -29.67 -9.74
CA THR A 357 1.05 -28.29 -9.91
C THR A 357 0.23 -27.92 -8.68
N GLY A 358 -0.64 -28.83 -8.23
CA GLY A 358 -1.47 -28.54 -7.06
C GLY A 358 -0.67 -28.15 -5.79
N CYS A 359 0.57 -28.70 -5.59
CA CYS A 359 1.45 -28.44 -4.44
C CYS A 359 1.87 -26.98 -4.56
N LEU A 360 2.28 -26.60 -5.75
CA LEU A 360 2.70 -25.23 -6.01
C LEU A 360 1.55 -24.25 -5.80
N VAL A 361 0.37 -24.63 -6.30
CA VAL A 361 -0.76 -23.75 -6.17
C VAL A 361 -1.07 -23.48 -4.72
N LYS A 362 -1.02 -24.49 -3.85
CA LYS A 362 -1.28 -24.17 -2.45
C LYS A 362 -0.07 -23.65 -1.60
N CYS A 363 1.21 -24.08 -1.85
CA CYS A 363 2.38 -23.60 -1.11
C CYS A 363 2.63 -22.13 -1.38
N ASN A 364 2.44 -21.68 -2.60
CA ASN A 364 2.74 -20.30 -2.88
C ASN A 364 1.93 -19.33 -1.98
N PRO A 365 0.59 -19.28 -2.00
CA PRO A 365 -0.16 -18.42 -1.12
C PRO A 365 0.00 -18.78 0.33
N TYR A 366 0.33 -20.04 0.66
CA TYR A 366 0.54 -20.39 2.05
C TYR A 366 1.76 -19.71 2.60
N GLU A 367 2.88 -19.78 1.88
CA GLU A 367 4.11 -19.16 2.34
C GLU A 367 3.91 -17.67 2.46
N ILE A 368 3.22 -17.08 1.49
CA ILE A 368 2.97 -15.67 1.53
C ILE A 368 2.12 -15.29 2.73
N TRP A 369 1.05 -16.05 2.98
CA TRP A 369 0.20 -15.80 4.11
C TRP A 369 0.99 -15.88 5.41
N LEU A 370 1.83 -16.90 5.57
CA LEU A 370 2.59 -16.98 6.80
C LEU A 370 3.51 -15.80 6.94
N GLY A 371 4.12 -15.37 5.84
CA GLY A 371 5.02 -14.23 5.90
C GLY A 371 4.27 -12.99 6.36
N ASN A 372 3.06 -12.81 5.88
CA ASN A 372 2.30 -11.63 6.29
C ASN A 372 1.89 -11.73 7.74
N GLN A 373 1.56 -12.93 8.21
CA GLN A 373 1.19 -13.08 9.60
C GLN A 373 2.40 -12.92 10.48
N ARG A 374 3.57 -13.32 9.99
CA ARG A 374 4.78 -13.18 10.75
C ARG A 374 5.04 -11.73 11.01
N GLU A 375 4.88 -10.91 9.99
CA GLU A 375 5.07 -9.51 10.15
C GLU A 375 4.04 -8.93 11.10
N ALA A 376 2.78 -9.36 10.98
CA ALA A 376 1.76 -8.82 11.85
C ALA A 376 2.08 -9.12 13.30
N PHE A 377 2.55 -10.32 13.56
CA PHE A 377 2.89 -10.75 14.90
C PHE A 377 4.02 -9.94 15.47
N ARG A 378 5.09 -9.82 14.69
CA ARG A 378 6.25 -9.10 15.16
C ARG A 378 5.93 -7.64 15.43
N LYS A 379 5.17 -7.00 14.54
CA LYS A 379 4.85 -5.62 14.77
C LYS A 379 4.00 -5.47 16.02
N GLN A 380 3.09 -6.40 16.28
CA GLN A 380 2.29 -6.30 17.48
C GLN A 380 3.14 -6.54 18.72
N LYS A 381 4.09 -7.46 18.64
CA LYS A 381 4.96 -7.71 19.77
C LYS A 381 5.66 -6.42 20.16
N GLU A 382 6.14 -5.66 19.17
CA GLU A 382 6.79 -4.39 19.48
C GLU A 382 5.79 -3.43 20.10
N LYS A 383 4.56 -3.39 19.60
CA LYS A 383 3.59 -2.48 20.18
C LYS A 383 3.38 -2.81 21.64
N TYR A 384 3.38 -4.10 21.98
CA TYR A 384 3.18 -4.51 23.35
C TYR A 384 4.21 -3.83 24.22
N GLU A 385 5.48 -3.91 23.79
CA GLU A 385 6.56 -3.33 24.58
C GLU A 385 6.38 -1.82 24.69
N ASN A 386 5.91 -1.18 23.63
CA ASN A 386 5.73 0.25 23.65
C ASN A 386 4.60 0.64 24.62
N GLU A 387 3.54 -0.18 24.67
CA GLU A 387 2.42 0.07 25.58
C GLU A 387 2.90 -0.07 27.01
N ILE A 388 3.80 -1.03 27.24
CA ILE A 388 4.34 -1.21 28.57
C ILE A 388 5.14 -0.02 28.95
N LYS A 389 5.98 0.49 28.08
CA LYS A 389 6.72 1.63 28.55
C LYS A 389 5.79 2.78 28.95
N THR A 390 4.77 3.00 28.13
CA THR A 390 3.85 4.10 28.31
C THR A 390 3.10 4.05 29.63
N TYR A 391 2.60 2.87 30.01
CA TYR A 391 1.83 2.82 31.24
C TYR A 391 2.52 2.19 32.44
N VAL A 392 3.57 1.41 32.22
CA VAL A 392 4.27 0.77 33.31
C VAL A 392 5.34 1.67 33.89
N HIS A 393 6.13 2.34 33.03
CA HIS A 393 7.12 3.22 33.60
C HIS A 393 6.42 4.54 33.87
N ASP A 394 5.50 4.91 32.99
CA ASP A 394 4.65 6.09 33.18
C ASP A 394 5.46 7.33 33.51
N THR A 395 6.48 7.64 32.72
CA THR A 395 7.33 8.78 33.03
C THR A 395 6.97 10.01 32.23
N GLY A 396 6.99 11.16 32.91
CA GLY A 396 6.67 12.45 32.32
C GLY A 396 5.21 12.48 31.91
N ILE A 397 4.93 12.91 30.67
CA ILE A 397 3.56 12.97 30.19
C ILE A 397 3.08 11.58 29.83
N SER A 398 3.94 10.85 29.11
CA SER A 398 3.69 9.50 28.66
C SER A 398 2.35 9.31 27.93
N ASN A 399 2.09 10.13 26.89
CA ASN A 399 0.83 10.01 26.16
C ASN A 399 -0.38 10.03 27.07
N SER A 400 -0.53 11.09 27.87
CA SER A 400 -1.60 11.21 28.84
C SER A 400 -3.00 11.41 28.26
N ASN A 401 -3.15 11.82 27.00
CA ASN A 401 -4.50 12.05 26.48
C ASN A 401 -5.17 10.76 26.00
N ILE A 402 -5.42 9.87 26.95
CA ILE A 402 -5.98 8.55 26.73
C ILE A 402 -6.47 7.95 28.03
N ASN A 403 -7.51 7.12 28.00
CA ASN A 403 -7.93 6.50 29.25
C ASN A 403 -8.01 4.99 29.14
N ASN A 404 -6.96 4.31 29.61
CA ASN A 404 -6.93 2.86 29.53
C ASN A 404 -7.41 2.24 30.83
N GLU A 405 -7.88 3.07 31.75
CA GLU A 405 -8.31 2.61 33.06
C GLU A 405 -7.26 1.74 33.74
N TYR A 406 -5.99 2.16 33.67
CA TYR A 406 -4.83 1.53 34.30
C TYR A 406 -4.37 0.27 33.61
N TYR A 407 -3.06 0.13 33.47
CA TYR A 407 -2.55 -1.08 32.85
C TYR A 407 -2.86 -2.28 33.72
N ILE A 413 -2.62 -2.15 35.04
CA ILE A 413 -2.92 -3.16 36.07
C ILE A 413 -2.04 -4.39 36.08
N LEU A 414 -1.87 -4.99 34.91
CA LEU A 414 -1.18 -6.26 34.70
C LEU A 414 0.28 -6.16 35.06
N LYS A 415 0.73 -4.96 35.30
CA LYS A 415 2.05 -4.69 35.78
C LYS A 415 2.31 -5.53 37.01
N ASN A 416 1.29 -5.64 37.86
CA ASN A 416 1.48 -6.31 39.13
C ASN A 416 1.26 -7.80 39.04
N ASN A 417 0.98 -8.27 37.83
CA ASN A 417 0.79 -9.66 37.56
C ASN A 417 1.99 -10.12 36.74
N ASN A 418 3.01 -9.24 36.70
CA ASN A 418 4.26 -9.39 36.00
C ASN A 418 4.16 -9.50 34.48
N TYR A 419 3.20 -8.82 33.86
CA TYR A 419 3.14 -8.88 32.40
C TYR A 419 3.74 -7.64 31.78
N GLU A 420 5.01 -7.41 32.12
CA GLU A 420 5.76 -6.28 31.61
C GLU A 420 6.57 -6.69 30.38
N THR A 421 6.67 -8.00 30.17
CA THR A 421 7.49 -8.54 29.11
C THR A 421 6.61 -9.20 28.06
N ALA A 422 6.82 -8.82 26.79
CA ALA A 422 6.03 -9.38 25.70
C ALA A 422 6.16 -10.88 25.64
N ASN A 423 7.30 -11.42 25.97
CA ASN A 423 7.47 -12.85 25.93
C ASN A 423 6.65 -13.57 26.98
N GLU A 424 6.38 -12.93 28.13
CA GLU A 424 5.61 -13.58 29.16
C GLU A 424 4.18 -13.63 28.67
N PHE A 425 3.77 -12.53 28.04
CA PHE A 425 2.46 -12.38 27.49
C PHE A 425 2.28 -13.41 26.38
N ILE A 426 3.24 -13.53 25.50
CA ILE A 426 3.12 -14.49 24.43
C ILE A 426 3.00 -15.91 24.99
N LYS A 427 3.79 -16.28 26.01
CA LYS A 427 3.60 -17.63 26.53
C LYS A 427 2.17 -17.84 26.99
N LEU A 428 1.59 -16.83 27.64
CA LEU A 428 0.21 -16.88 28.08
C LEU A 428 -0.76 -17.03 26.92
N LEU A 429 -0.51 -16.29 25.87
CA LEU A 429 -1.30 -16.26 24.64
C LEU A 429 -1.21 -17.53 23.85
N ASN A 430 -0.11 -18.24 23.94
CA ASN A 430 0.03 -19.42 23.15
C ASN A 430 -1.12 -20.39 23.36
N GLU A 431 -1.63 -20.53 24.56
CA GLU A 431 -2.71 -21.47 24.77
C GLU A 431 -4.06 -20.81 24.53
N GLY A 432 -4.34 -20.55 23.26
CA GLY A 432 -5.56 -19.89 22.79
C GLY A 432 -6.60 -20.97 22.51
N ARG A 433 -7.68 -20.67 21.81
CA ARG A 433 -8.66 -21.75 21.61
C ARG A 433 -8.19 -22.83 20.68
N TYR A 434 -7.58 -22.42 19.58
CA TYR A 434 -7.16 -23.35 18.54
C TYR A 434 -5.76 -23.95 18.62
N CYS A 435 -4.79 -23.25 19.25
CA CYS A 435 -3.40 -23.71 19.46
C CYS A 435 -3.34 -24.58 20.72
N ASN A 436 -4.43 -24.63 21.43
CA ASN A 436 -4.54 -25.38 22.65
C ASN A 436 -4.91 -26.82 22.27
N LYS A 437 -3.93 -27.75 22.42
CA LYS A 437 -3.97 -29.16 22.06
C LYS A 437 -3.98 -30.00 23.34
N ASP A 446 0.58 -27.80 17.09
CA ASP A 446 2.03 -27.81 17.32
C ASP A 446 2.62 -26.39 17.10
N ILE A 447 1.96 -25.36 17.69
CA ILE A 447 2.31 -23.94 17.61
C ILE A 447 2.84 -23.40 18.91
N ASP A 448 3.96 -22.71 18.77
CA ASP A 448 4.66 -22.05 19.84
C ASP A 448 5.03 -20.63 19.40
N PHE A 449 4.32 -19.63 19.89
CA PHE A 449 4.53 -18.27 19.44
C PHE A 449 5.79 -17.64 19.99
N THR A 450 6.53 -18.35 20.84
CA THR A 450 7.79 -17.82 21.34
C THR A 450 8.90 -18.48 20.53
N ASN A 451 8.53 -19.39 19.63
CA ASN A 451 9.54 -20.07 18.87
C ASN A 451 9.82 -19.27 17.61
N THR A 452 10.85 -18.46 17.72
CA THR A 452 11.29 -17.54 16.71
C THR A 452 12.51 -18.06 16.00
N ASN A 453 12.81 -19.32 16.27
CA ASN A 453 13.96 -19.98 15.72
C ASN A 453 13.59 -20.55 14.37
N GLU A 454 14.55 -21.18 13.72
CA GLU A 454 14.32 -21.79 12.44
C GLU A 454 13.29 -22.87 12.67
N LYS A 455 12.42 -23.07 11.69
CA LYS A 455 11.35 -24.06 11.79
C LYS A 455 10.44 -23.76 12.98
N GLY A 456 10.09 -22.48 13.15
CA GLY A 456 9.11 -22.11 14.19
C GLY A 456 7.70 -22.12 13.60
N THR A 457 6.72 -21.51 14.26
CA THR A 457 5.34 -21.57 13.71
C THR A 457 5.32 -20.86 12.36
N PHE A 458 6.14 -19.82 12.20
CA PHE A 458 6.21 -19.04 10.93
C PHE A 458 6.69 -19.88 9.75
N TYR A 459 7.65 -20.80 9.96
CA TYR A 459 8.27 -21.52 8.82
C TYR A 459 7.24 -22.33 8.03
N ARG A 460 7.36 -22.33 6.69
CA ARG A 460 6.39 -23.03 5.80
C ARG A 460 6.52 -24.55 5.88
N SER A 461 5.43 -25.28 5.62
CA SER A 461 5.42 -26.77 5.67
C SER A 461 6.72 -27.41 5.19
N ASP A 462 7.16 -28.49 5.85
CA ASP A 462 8.35 -29.24 5.46
C ASP A 462 8.20 -29.72 4.02
N TYR A 463 6.97 -29.80 3.58
CA TYR A 463 6.67 -30.22 2.23
C TYR A 463 6.91 -29.14 1.15
N CYS A 464 6.91 -27.83 1.52
CA CYS A 464 7.03 -26.69 0.61
C CYS A 464 8.52 -26.35 0.42
N GLN A 465 9.24 -27.33 -0.11
CA GLN A 465 10.66 -27.18 -0.38
C GLN A 465 11.04 -27.94 -1.62
N VAL A 466 12.15 -27.60 -2.20
CA VAL A 466 12.59 -28.33 -3.37
C VAL A 466 13.31 -29.62 -2.96
N CYS A 467 12.88 -30.77 -3.53
CA CYS A 467 13.42 -32.11 -3.31
C CYS A 467 14.85 -32.21 -3.92
N PRO A 468 15.87 -32.60 -3.14
CA PRO A 468 17.28 -32.64 -3.54
C PRO A 468 17.65 -33.82 -4.41
N ASP A 469 17.00 -33.91 -5.57
CA ASP A 469 17.23 -34.96 -6.57
C ASP A 469 16.87 -36.38 -6.12
N CYS A 470 16.24 -36.53 -4.96
CA CYS A 470 15.83 -37.84 -4.47
C CYS A 470 14.82 -37.76 -3.34
N GLY A 471 13.78 -38.55 -3.47
CA GLY A 471 12.72 -38.67 -2.48
C GLY A 471 12.88 -39.98 -1.71
N VAL A 472 11.75 -40.60 -1.32
CA VAL A 472 11.67 -41.82 -0.52
C VAL A 472 11.85 -43.04 -1.45
N ASP A 488 21.96 -37.21 -12.88
CA ASP A 488 23.17 -37.39 -12.10
C ASP A 488 23.87 -38.66 -12.57
N TYR A 495 25.16 -30.02 -22.94
CA TYR A 495 26.03 -31.23 -22.97
C TYR A 495 27.02 -31.11 -24.13
N GLU A 496 26.63 -31.58 -25.32
CA GLU A 496 27.54 -31.56 -26.49
C GLU A 496 26.96 -30.63 -27.56
N PRO A 497 27.73 -29.69 -28.12
CA PRO A 497 27.19 -28.72 -29.08
C PRO A 497 26.94 -29.26 -30.49
N PRO A 498 25.69 -29.16 -31.01
CA PRO A 498 25.39 -29.53 -32.37
C PRO A 498 26.05 -28.55 -33.33
N GLY A 499 27.37 -28.58 -33.35
CA GLY A 499 28.12 -27.69 -34.23
C GLY A 499 27.88 -26.22 -33.90
N ASP A 500 27.47 -25.46 -34.91
CA ASP A 500 27.20 -24.04 -34.81
C ASP A 500 25.71 -23.72 -34.84
N ALA A 501 24.87 -24.72 -34.56
CA ALA A 501 23.44 -24.51 -34.61
C ALA A 501 22.91 -23.75 -33.40
N LYS A 502 22.93 -22.43 -33.47
CA LYS A 502 22.31 -21.63 -32.38
C LYS A 502 22.83 -22.12 -31.02
N ASN A 503 24.14 -22.20 -30.86
CA ASN A 503 24.72 -22.56 -29.54
C ASN A 503 25.00 -21.24 -28.82
N THR A 504 24.16 -20.87 -27.86
CA THR A 504 24.30 -19.53 -27.23
C THR A 504 24.26 -19.64 -25.70
N GLU A 505 24.87 -18.69 -25.00
CA GLU A 505 24.87 -18.71 -23.51
C GLU A 505 24.05 -17.52 -22.99
N ILE A 506 23.12 -17.79 -22.06
CA ILE A 506 22.21 -16.72 -21.56
C ILE A 506 22.60 -16.33 -20.12
N ASN A 507 22.50 -15.05 -19.78
CA ASN A 507 22.81 -14.58 -18.40
C ASN A 507 21.58 -14.93 -17.58
N VAL A 508 21.71 -15.53 -16.42
CA VAL A 508 20.51 -15.99 -15.67
C VAL A 508 20.54 -15.47 -14.23
N ILE A 509 19.48 -14.77 -13.82
CA ILE A 509 19.39 -14.32 -12.39
C ILE A 509 18.36 -15.23 -11.70
N ASN A 510 18.84 -16.17 -10.89
CA ASN A 510 18.00 -17.14 -10.23
C ASN A 510 17.70 -16.71 -8.83
N SER A 511 16.48 -16.26 -8.59
CA SER A 511 16.12 -15.75 -7.29
C SER A 511 16.25 -16.81 -6.19
N GLY A 512 16.14 -18.08 -6.55
CA GLY A 512 16.30 -19.14 -5.57
C GLY A 512 15.05 -19.37 -4.73
N ASP A 513 15.15 -20.34 -3.82
CA ASP A 513 14.06 -20.71 -2.93
C ASP A 513 14.56 -20.83 -1.50
N LYS A 514 14.12 -19.94 -0.62
CA LYS A 514 14.59 -19.95 0.75
C LYS A 514 13.53 -19.56 1.78
N GLU A 515 13.06 -18.32 1.62
CA GLU A 515 12.14 -17.65 2.53
C GLU A 515 11.37 -16.58 1.75
N GLY A 516 10.45 -15.88 2.39
CA GLY A 516 9.70 -14.81 1.75
C GLY A 516 10.55 -13.57 1.82
N TYR A 517 10.01 -12.43 1.40
CA TYR A 517 10.77 -11.20 1.37
C TYR A 517 11.84 -11.30 0.29
N ILE A 518 11.38 -11.12 -0.93
CA ILE A 518 12.15 -11.29 -2.14
C ILE A 518 13.33 -10.32 -2.25
N PHE A 519 13.22 -9.15 -1.62
CA PHE A 519 14.25 -8.14 -1.74
C PHE A 519 15.48 -8.62 -1.00
N GLU A 520 15.27 -9.06 0.22
CA GLU A 520 16.31 -9.57 1.08
C GLU A 520 16.87 -10.85 0.50
N LYS A 521 16.01 -11.67 -0.08
CA LYS A 521 16.46 -12.89 -0.68
C LYS A 521 17.46 -12.58 -1.81
N LEU A 522 17.05 -11.68 -2.72
CA LEU A 522 17.92 -11.31 -3.86
C LEU A 522 19.21 -10.69 -3.34
N SER A 523 19.10 -9.77 -2.37
CA SER A 523 20.32 -9.18 -1.76
C SER A 523 21.24 -8.64 -2.84
N GLU A 524 22.52 -9.02 -2.83
CA GLU A 524 23.50 -8.59 -3.86
C GLU A 524 22.79 -8.04 -5.11
N PHE A 525 21.93 -8.83 -5.76
CA PHE A 525 21.36 -8.37 -7.00
C PHE A 525 20.78 -6.96 -6.86
N CYS A 526 19.98 -6.74 -5.78
CA CYS A 526 19.33 -5.49 -5.43
C CYS A 526 20.34 -4.41 -5.08
N THR A 527 21.40 -4.83 -4.39
CA THR A 527 22.39 -3.89 -3.92
C THR A 527 23.14 -3.17 -5.02
N ASN A 528 23.67 -3.88 -6.01
CA ASN A 528 24.38 -3.16 -7.07
C ASN A 528 24.65 -3.95 -8.34
N GLU A 529 25.22 -3.24 -9.33
CA GLU A 529 25.66 -3.87 -10.57
C GLU A 529 27.01 -4.57 -10.40
N ASN A 530 27.72 -4.21 -9.34
CA ASN A 530 29.06 -4.75 -9.11
C ASN A 530 28.98 -6.22 -8.79
N ASN A 531 27.86 -6.64 -8.21
CA ASN A 531 27.68 -8.01 -7.86
C ASN A 531 26.80 -8.76 -8.83
N GLU A 532 26.68 -8.30 -10.08
CA GLU A 532 25.93 -9.10 -11.02
C GLU A 532 26.60 -10.46 -11.10
N ASN A 533 27.93 -10.50 -11.05
CA ASN A 533 28.60 -11.79 -11.03
C ASN A 533 28.69 -12.26 -9.57
N GLY A 534 27.52 -12.49 -8.98
CA GLY A 534 27.34 -12.85 -7.57
C GLY A 534 26.65 -14.20 -7.38
N LYS A 535 26.12 -14.43 -6.18
CA LYS A 535 25.52 -15.70 -5.84
C LYS A 535 24.35 -16.11 -6.70
N ASN A 536 23.53 -15.16 -7.12
CA ASN A 536 22.33 -15.51 -7.85
C ASN A 536 22.56 -15.55 -9.34
N TYR A 537 23.79 -15.37 -9.75
CA TYR A 537 24.09 -15.41 -11.16
C TYR A 537 24.44 -16.77 -11.64
N GLU A 538 23.77 -17.15 -12.71
CA GLU A 538 23.99 -18.38 -13.38
C GLU A 538 24.29 -18.03 -14.83
N GLN A 539 25.19 -18.76 -15.42
CA GLN A 539 25.49 -18.53 -16.80
C GLN A 539 25.29 -19.82 -17.52
N TRP A 540 24.35 -19.83 -18.43
CA TRP A 540 24.05 -21.08 -19.09
C TRP A 540 24.39 -21.09 -20.56
N LYS A 541 24.98 -22.18 -21.00
CA LYS A 541 25.28 -22.41 -22.41
C LYS A 541 24.31 -23.42 -22.98
N CYS A 542 23.35 -22.94 -23.80
CA CYS A 542 22.25 -23.73 -24.36
C CYS A 542 22.52 -24.09 -25.80
N TYR A 543 22.75 -25.37 -25.97
CA TYR A 543 23.06 -25.97 -27.22
C TYR A 543 21.79 -26.36 -27.89
N TYR A 544 21.03 -25.36 -28.28
CA TYR A 544 19.72 -25.61 -28.82
C TYR A 544 19.62 -25.60 -30.33
N ASP A 545 19.19 -26.72 -30.91
CA ASP A 545 19.02 -26.81 -32.34
C ASP A 545 17.52 -26.88 -32.67
N ASN A 546 17.16 -26.40 -33.86
CA ASN A 546 15.77 -26.45 -34.33
C ASN A 546 15.53 -27.65 -35.23
N LYS A 547 16.58 -28.42 -35.49
CA LYS A 547 16.50 -29.64 -36.29
C LYS A 547 16.57 -30.91 -35.47
N LYS A 548 17.20 -30.85 -34.30
CA LYS A 548 17.40 -32.03 -33.48
C LYS A 548 16.82 -31.79 -32.11
N ASN A 549 16.39 -32.84 -31.44
CA ASN A 549 15.85 -32.70 -30.10
C ASN A 549 16.87 -32.93 -29.00
N ASN A 550 18.13 -33.06 -29.39
CA ASN A 550 19.21 -33.29 -28.44
C ASN A 550 19.70 -31.96 -27.92
N ASN A 551 18.81 -31.28 -27.23
CA ASN A 551 19.01 -29.94 -26.74
C ASN A 551 19.27 -29.87 -25.25
N LYS A 552 20.49 -29.47 -24.91
CA LYS A 552 20.97 -29.37 -23.53
C LYS A 552 21.54 -28.00 -23.20
N CYS A 553 21.43 -27.59 -21.92
CA CYS A 553 21.98 -26.37 -21.32
C CYS A 553 22.95 -26.76 -20.21
N LYS A 554 24.13 -26.15 -20.20
CA LYS A 554 25.10 -26.45 -19.17
C LYS A 554 25.44 -25.23 -18.36
N MET A 555 25.79 -25.43 -17.10
CA MET A 555 26.24 -24.28 -16.37
C MET A 555 27.71 -24.02 -16.60
N GLU A 556 28.01 -22.77 -16.97
CA GLU A 556 29.38 -22.35 -17.14
C GLU A 556 30.00 -22.15 -15.77
N ILE A 557 29.20 -21.55 -14.88
CA ILE A 557 29.76 -21.21 -13.54
C ILE A 557 28.67 -21.44 -12.48
N ASN A 558 29.08 -21.95 -11.31
CA ASN A 558 28.09 -22.06 -10.20
C ASN A 558 28.54 -21.12 -9.10
N ILE A 559 27.66 -20.23 -8.65
CA ILE A 559 28.00 -19.25 -7.58
C ILE A 559 27.06 -19.54 -6.41
N ALA A 560 26.11 -20.44 -6.63
CA ALA A 560 25.21 -20.87 -5.55
C ALA A 560 25.17 -22.38 -5.50
N ASN A 561 25.64 -22.97 -6.58
CA ASN A 561 25.69 -24.39 -6.83
C ASN A 561 27.12 -24.88 -6.79
N SER A 562 28.04 -24.14 -6.15
CA SER A 562 29.45 -24.53 -6.15
C SER A 562 29.74 -25.85 -5.43
N LYS A 563 28.80 -26.26 -4.58
CA LYS A 563 28.91 -27.50 -3.83
C LYS A 563 28.37 -28.69 -4.62
N LEU A 564 27.77 -28.42 -5.76
CA LEU A 564 27.13 -29.42 -6.58
C LEU A 564 27.93 -29.81 -7.78
N LYS A 565 27.58 -30.96 -8.35
CA LYS A 565 28.20 -31.40 -9.58
C LYS A 565 27.76 -30.42 -10.64
N ASN A 566 28.57 -30.17 -11.65
CA ASN A 566 28.14 -29.23 -12.68
C ASN A 566 26.80 -29.63 -13.24
N LYS A 567 25.85 -28.71 -13.19
CA LYS A 567 24.55 -29.10 -13.70
C LYS A 567 24.38 -28.96 -15.21
N ILE A 568 23.84 -30.03 -15.79
CA ILE A 568 23.49 -30.11 -17.19
C ILE A 568 22.02 -30.50 -17.24
N THR A 569 21.23 -29.74 -18.00
CA THR A 569 19.76 -30.01 -18.10
C THR A 569 19.29 -29.83 -19.54
N SER A 570 18.19 -30.49 -19.90
CA SER A 570 17.61 -30.31 -21.26
C SER A 570 17.08 -28.88 -21.40
N PHE A 571 17.19 -28.30 -22.60
CA PHE A 571 16.78 -26.88 -22.80
C PHE A 571 15.29 -26.72 -22.52
N ASP A 572 14.46 -27.67 -22.96
CA ASP A 572 12.99 -27.52 -22.79
C ASP A 572 12.68 -27.45 -21.29
N GLU A 573 13.32 -28.29 -20.49
CA GLU A 573 13.13 -28.24 -19.02
C GLU A 573 13.68 -26.89 -18.54
N PHE A 574 14.87 -26.53 -19.00
CA PHE A 574 15.47 -25.26 -18.65
C PHE A 574 14.46 -24.17 -18.84
N PHE A 575 13.84 -24.17 -20.01
CA PHE A 575 12.85 -23.19 -20.32
C PHE A 575 11.71 -23.30 -19.35
N ASP A 576 11.23 -24.51 -19.10
CA ASP A 576 10.12 -24.65 -18.18
C ASP A 576 10.45 -24.06 -16.85
N PHE A 577 11.65 -24.34 -16.36
CA PHE A 577 12.03 -23.81 -15.08
C PHE A 577 12.03 -22.30 -15.13
N TRP A 578 12.62 -21.73 -16.18
CA TRP A 578 12.69 -20.29 -16.31
C TRP A 578 11.29 -19.68 -16.30
N VAL A 579 10.36 -20.25 -17.04
CA VAL A 579 9.04 -19.68 -17.08
C VAL A 579 8.36 -19.83 -15.74
N ARG A 580 8.46 -21.01 -15.17
CA ARG A 580 7.85 -21.32 -13.91
C ARG A 580 8.31 -20.33 -12.85
N LYS A 581 9.61 -20.06 -12.80
CA LYS A 581 10.09 -19.11 -11.83
C LYS A 581 9.62 -17.71 -12.15
N LEU A 582 9.55 -17.33 -13.43
CA LEU A 582 9.08 -15.99 -13.73
C LEU A 582 7.67 -15.80 -13.23
N LEU A 583 6.81 -16.81 -13.38
CA LEU A 583 5.45 -16.67 -12.90
C LEU A 583 5.40 -16.57 -11.37
N ILE A 584 6.16 -17.44 -10.70
CA ILE A 584 6.20 -17.43 -9.21
C ILE A 584 6.78 -16.10 -8.74
N ASP A 585 7.92 -15.70 -9.29
CA ASP A 585 8.59 -14.44 -8.84
C ASP A 585 7.66 -13.27 -9.12
N THR A 586 6.99 -13.28 -10.29
CA THR A 586 6.01 -12.21 -10.60
C THR A 586 5.08 -12.02 -9.40
N ILE A 587 4.39 -13.08 -8.99
CA ILE A 587 3.46 -12.96 -7.90
C ILE A 587 4.16 -12.48 -6.65
N LYS A 588 5.31 -13.04 -6.30
CA LYS A 588 5.91 -12.57 -5.07
C LYS A 588 6.31 -11.11 -5.10
N TRP A 589 6.86 -10.63 -6.21
CA TRP A 589 7.23 -9.23 -6.27
C TRP A 589 6.04 -8.35 -6.17
N GLU A 590 5.02 -8.68 -6.93
CA GLU A 590 3.85 -7.87 -6.99
C GLU A 590 3.12 -7.87 -5.68
N THR A 591 3.06 -9.03 -5.04
CA THR A 591 2.38 -9.12 -3.78
C THR A 591 3.12 -8.34 -2.70
N GLU A 592 4.43 -8.53 -2.59
CA GLU A 592 5.15 -7.84 -1.54
C GLU A 592 5.20 -6.33 -1.75
N LEU A 593 5.29 -5.90 -3.01
CA LEU A 593 5.36 -4.49 -3.31
C LEU A 593 4.01 -3.83 -3.26
N THR A 594 2.96 -4.61 -2.98
CA THR A 594 1.64 -4.06 -2.88
C THR A 594 1.66 -3.04 -1.79
N TYR A 595 2.43 -3.32 -0.74
CA TYR A 595 2.54 -2.35 0.32
C TYR A 595 2.99 -0.98 -0.19
N CYS A 596 4.10 -0.94 -0.98
CA CYS A 596 4.72 0.24 -1.56
C CYS A 596 3.80 0.92 -2.57
N ILE A 597 3.08 0.14 -3.35
CA ILE A 597 2.21 0.74 -4.34
C ILE A 597 1.07 1.49 -3.67
N ASN A 598 0.44 0.87 -2.68
CA ASN A 598 -0.73 1.48 -2.09
C ASN A 598 -0.54 2.54 -1.03
N ASN A 599 0.00 3.68 -1.44
CA ASN A 599 0.12 4.85 -0.57
C ASN A 599 0.74 4.67 0.81
N THR A 600 2.02 4.30 0.91
CA THR A 600 2.61 4.05 2.22
C THR A 600 2.87 5.33 3.02
N ASP A 601 1.80 5.95 3.45
CA ASP A 601 1.77 7.17 4.23
C ASP A 601 2.67 8.24 3.63
N VAL A 602 3.52 8.86 4.47
CA VAL A 602 4.47 9.86 4.02
C VAL A 602 5.91 9.63 4.47
N THR A 603 6.21 8.58 5.27
CA THR A 603 7.57 8.46 5.81
C THR A 603 8.43 7.30 5.33
N ASP A 604 7.83 6.19 4.92
CA ASP A 604 8.66 5.02 4.56
C ASP A 604 9.15 5.05 3.13
N CYS A 605 10.09 5.98 2.83
CA CYS A 605 10.64 6.18 1.50
C CYS A 605 11.84 5.27 1.30
N ASN A 606 12.75 5.20 2.25
CA ASN A 606 13.96 4.47 1.95
C ASN A 606 13.73 2.99 1.71
N LYS A 607 12.79 2.36 2.42
CA LYS A 607 12.69 0.93 2.17
C LYS A 607 12.08 0.63 0.79
N CYS A 608 10.97 1.33 0.40
CA CYS A 608 10.31 1.16 -0.89
C CYS A 608 11.19 1.66 -2.02
N ASN A 609 11.87 2.79 -1.83
CA ASN A 609 12.75 3.26 -2.87
C ASN A 609 13.73 2.15 -3.24
N LYS A 610 14.35 1.52 -2.24
CA LYS A 610 15.28 0.44 -2.54
C LYS A 610 14.58 -0.76 -3.19
N ASN A 611 13.41 -1.12 -2.69
CA ASN A 611 12.70 -2.28 -3.23
C ASN A 611 12.22 -2.11 -4.69
N CYS A 612 11.71 -0.89 -5.04
CA CYS A 612 11.19 -0.55 -6.37
C CYS A 612 12.33 -0.53 -7.37
N VAL A 613 13.46 0.02 -6.97
CA VAL A 613 14.57 0.04 -7.87
C VAL A 613 15.07 -1.38 -8.18
N CYS A 614 15.19 -2.29 -7.15
CA CYS A 614 15.59 -3.69 -7.35
C CYS A 614 14.63 -4.37 -8.30
N PHE A 615 13.34 -4.13 -8.08
CA PHE A 615 12.33 -4.73 -8.91
C PHE A 615 12.49 -4.34 -10.35
N ASP A 616 12.67 -3.06 -10.62
CA ASP A 616 12.81 -2.69 -12.00
C ASP A 616 14.08 -3.25 -12.61
N LYS A 617 15.18 -3.31 -11.83
CA LYS A 617 16.41 -3.87 -12.37
C LYS A 617 16.14 -5.33 -12.74
N TRP A 618 15.43 -6.02 -11.85
CA TRP A 618 15.04 -7.40 -12.03
C TRP A 618 14.19 -7.55 -13.28
N VAL A 619 13.22 -6.66 -13.50
CA VAL A 619 12.39 -6.77 -14.68
C VAL A 619 13.23 -6.63 -15.92
N LYS A 620 14.14 -5.68 -15.95
CA LYS A 620 15.00 -5.52 -17.11
C LYS A 620 15.86 -6.74 -17.32
N GLN A 621 16.33 -7.34 -16.23
CA GLN A 621 17.12 -8.53 -16.35
C GLN A 621 16.31 -9.66 -16.95
N LYS A 622 15.04 -9.77 -16.57
CA LYS A 622 14.23 -10.83 -17.12
C LYS A 622 13.88 -10.58 -18.57
N GLU A 623 13.67 -9.33 -18.94
CA GLU A 623 13.37 -9.06 -20.33
C GLU A 623 14.55 -9.47 -21.19
N ASP A 624 15.77 -9.21 -20.70
CA ASP A 624 16.94 -9.61 -21.47
C ASP A 624 17.01 -11.13 -21.53
N GLU A 625 16.70 -11.82 -20.43
CA GLU A 625 16.78 -13.28 -20.48
C GLU A 625 15.80 -13.79 -21.52
N TRP A 626 14.61 -13.21 -21.57
CA TRP A 626 13.61 -13.60 -22.54
C TRP A 626 14.13 -13.41 -23.94
N THR A 627 14.74 -12.27 -24.17
CA THR A 627 15.25 -11.95 -25.47
C THR A 627 16.32 -12.96 -25.87
N ASN A 628 17.19 -13.29 -24.93
CA ASN A 628 18.28 -14.20 -25.20
C ASN A 628 17.80 -15.61 -25.48
N ILE A 629 16.65 -15.99 -24.91
CA ILE A 629 16.08 -17.30 -25.20
C ILE A 629 15.54 -17.24 -26.63
N MET A 630 14.83 -16.16 -26.96
CA MET A 630 14.25 -16.00 -28.28
C MET A 630 15.29 -15.93 -29.38
N LYS A 631 16.49 -15.47 -29.08
CA LYS A 631 17.55 -15.45 -30.09
C LYS A 631 17.82 -16.83 -30.70
N LEU A 632 17.41 -17.90 -30.03
CA LEU A 632 17.58 -19.26 -30.50
C LEU A 632 16.52 -19.67 -31.53
N PHE A 633 15.40 -18.95 -31.53
CA PHE A 633 14.22 -19.25 -32.32
C PHE A 633 13.79 -18.21 -33.36
N THR A 634 14.22 -16.95 -33.21
CA THR A 634 13.77 -15.84 -34.07
C THR A 634 14.31 -15.92 -35.48
N ASN A 635 15.18 -16.89 -35.72
CA ASN A 635 15.66 -17.12 -37.05
C ASN A 635 14.55 -17.72 -37.90
N LYS A 636 13.55 -18.32 -37.23
CA LYS A 636 12.41 -18.89 -37.92
C LYS A 636 11.09 -18.26 -37.49
N HIS A 637 11.01 -17.84 -36.22
CA HIS A 637 9.76 -17.35 -35.60
C HIS A 637 8.69 -18.43 -35.68
N ASP A 638 9.13 -19.67 -35.51
CA ASP A 638 8.28 -20.82 -35.54
C ASP A 638 8.93 -21.76 -34.56
N ILE A 639 8.50 -21.69 -33.33
CA ILE A 639 9.11 -22.44 -32.26
C ILE A 639 8.58 -23.86 -32.33
N PRO A 640 9.44 -24.91 -32.35
CA PRO A 640 9.00 -26.28 -32.43
C PRO A 640 8.07 -26.47 -31.27
N LYS A 641 7.04 -27.31 -31.44
CA LYS A 641 6.01 -27.44 -30.42
C LYS A 641 6.56 -27.87 -29.08
N LYS A 642 7.62 -28.64 -29.05
CA LYS A 642 8.16 -29.04 -27.77
C LYS A 642 8.52 -27.84 -26.86
N TYR A 643 8.93 -26.72 -27.45
CA TYR A 643 9.37 -25.58 -26.67
C TYR A 643 8.41 -24.41 -26.82
N TYR A 644 7.25 -24.67 -27.42
CA TYR A 644 6.26 -23.64 -27.75
C TYR A 644 4.98 -23.93 -27.08
N LEU A 645 4.50 -22.99 -26.25
CA LEU A 645 3.31 -23.32 -25.43
C LEU A 645 3.64 -24.64 -24.74
N ASN A 646 2.68 -25.53 -24.53
CA ASN A 646 2.90 -26.85 -23.88
C ASN A 646 3.22 -26.59 -22.40
N ILE A 647 4.09 -25.64 -22.11
CA ILE A 647 4.47 -25.27 -20.71
C ILE A 647 3.89 -23.87 -20.46
N ASN A 648 4.31 -22.90 -21.28
CA ASN A 648 3.79 -21.52 -21.16
C ASN A 648 2.27 -21.67 -21.23
N ASP A 649 1.81 -22.56 -22.12
CA ASP A 649 0.35 -22.85 -22.20
C ASP A 649 -0.15 -23.20 -20.80
N LEU A 650 0.48 -24.18 -20.14
CA LEU A 650 0.02 -24.60 -18.85
C LEU A 650 0.25 -23.54 -17.81
N PHE A 651 0.56 -22.31 -18.22
CA PHE A 651 0.79 -21.32 -17.19
C PHE A 651 -0.48 -21.13 -16.38
N ASP A 652 -1.63 -21.29 -17.05
CA ASP A 652 -2.95 -21.15 -16.39
C ASP A 652 -3.17 -22.34 -15.46
N SER A 653 -2.32 -23.37 -15.54
CA SER A 653 -2.41 -24.50 -14.58
C SER A 653 -2.16 -23.88 -13.21
N PHE A 654 -1.32 -22.84 -13.16
CA PHE A 654 -1.02 -22.14 -11.88
C PHE A 654 -1.18 -20.63 -12.12
N PHE A 655 -1.01 -19.81 -11.08
CA PHE A 655 -1.02 -18.33 -11.26
C PHE A 655 -2.45 -17.86 -11.52
N PHE A 656 -3.08 -18.36 -12.59
CA PHE A 656 -4.52 -18.07 -12.81
C PHE A 656 -5.29 -18.76 -11.68
N GLN A 657 -4.83 -19.96 -11.31
CA GLN A 657 -5.51 -20.74 -10.24
C GLN A 657 -5.22 -20.08 -8.90
N VAL A 658 -4.38 -19.05 -8.88
CA VAL A 658 -4.19 -18.35 -7.63
C VAL A 658 -4.64 -16.89 -7.73
N ILE A 659 -5.15 -16.44 -8.89
CA ILE A 659 -5.50 -15.03 -9.05
C ILE A 659 -6.63 -14.66 -8.15
N TYR A 660 -7.61 -15.54 -8.05
CA TYR A 660 -8.78 -15.30 -7.24
C TYR A 660 -8.46 -15.44 -5.75
N LYS A 661 -7.39 -16.16 -5.42
CA LYS A 661 -7.03 -16.33 -4.03
C LYS A 661 -6.40 -15.05 -3.53
N PHE A 662 -5.52 -14.49 -4.36
CA PHE A 662 -4.86 -13.26 -4.01
C PHE A 662 -5.73 -12.13 -4.49
N ASN A 663 -6.92 -12.00 -3.90
CA ASN A 663 -7.83 -10.96 -4.34
C ASN A 663 -7.48 -9.68 -3.62
N GLU A 664 -6.29 -9.20 -3.96
CA GLU A 664 -5.67 -8.04 -3.40
C GLU A 664 -5.54 -6.96 -4.45
N GLY A 665 -5.31 -7.40 -5.71
CA GLY A 665 -5.14 -6.48 -6.83
C GLY A 665 -6.49 -6.08 -7.40
N GLU A 666 -7.52 -6.80 -6.95
CA GLU A 666 -8.90 -6.60 -7.35
C GLU A 666 -9.04 -6.47 -8.85
N ALA A 667 -9.50 -5.30 -9.29
CA ALA A 667 -9.73 -5.04 -10.69
C ALA A 667 -8.46 -5.18 -11.52
N LYS A 668 -7.30 -4.83 -10.97
CA LYS A 668 -6.10 -4.89 -11.77
C LYS A 668 -5.76 -6.32 -12.11
N TRP A 669 -5.98 -7.22 -11.16
CA TRP A 669 -5.70 -8.60 -11.44
C TRP A 669 -6.75 -9.15 -12.37
N ASN A 670 -7.97 -8.62 -12.31
CA ASN A 670 -8.96 -9.08 -13.24
C ASN A 670 -8.57 -8.65 -14.65
N GLU A 671 -8.01 -7.43 -14.81
CA GLU A 671 -7.59 -7.00 -16.14
C GLU A 671 -6.48 -7.87 -16.68
N LEU A 672 -5.54 -8.25 -15.80
CA LEU A 672 -4.46 -9.10 -16.27
C LEU A 672 -4.98 -10.44 -16.69
N LYS A 673 -5.86 -11.01 -15.88
CA LYS A 673 -6.38 -12.30 -16.22
C LYS A 673 -7.08 -12.23 -17.54
N GLU A 674 -7.88 -11.19 -17.79
CA GLU A 674 -8.60 -11.11 -19.04
C GLU A 674 -7.68 -10.98 -20.24
N ASN A 675 -6.59 -10.22 -20.10
CA ASN A 675 -5.71 -10.07 -21.24
C ASN A 675 -4.99 -11.36 -21.55
N LEU A 676 -4.57 -12.06 -20.51
CA LEU A 676 -3.89 -13.31 -20.71
C LEU A 676 -4.87 -14.38 -21.13
N LYS A 677 -6.10 -14.31 -20.60
CA LYS A 677 -7.11 -15.30 -20.89
C LYS A 677 -7.42 -15.26 -22.35
N LYS A 678 -7.56 -14.07 -22.92
CA LYS A 678 -7.84 -14.00 -24.33
C LYS A 678 -6.74 -14.64 -25.13
N GLN A 679 -5.49 -14.32 -24.80
CA GLN A 679 -4.42 -14.91 -25.58
C GLN A 679 -4.29 -16.42 -25.40
N ILE A 680 -4.49 -16.92 -24.20
CA ILE A 680 -4.38 -18.35 -24.04
C ILE A 680 -5.58 -19.03 -24.69
N ALA A 681 -6.75 -18.39 -24.65
CA ALA A 681 -7.94 -18.95 -25.28
C ALA A 681 -7.67 -19.16 -26.76
N SER A 682 -6.89 -18.25 -27.37
CA SER A 682 -6.55 -18.38 -28.76
C SER A 682 -5.81 -19.69 -28.97
N SER A 683 -4.83 -19.97 -28.10
CA SER A 683 -4.10 -21.24 -28.17
C SER A 683 -5.00 -22.44 -27.96
N LYS A 684 -5.91 -22.34 -27.02
CA LYS A 684 -6.74 -23.49 -26.74
C LYS A 684 -7.55 -23.84 -27.99
N ALA A 685 -8.08 -22.81 -28.66
CA ALA A 685 -8.85 -23.00 -29.89
C ALA A 685 -7.95 -23.39 -31.08
N ASN A 686 -6.74 -22.84 -31.12
CA ASN A 686 -5.77 -23.24 -32.20
C ASN A 686 -4.45 -23.66 -31.55
N ASN A 687 -4.02 -24.91 -31.78
CA ASN A 687 -2.82 -25.44 -31.06
C ASN A 687 -1.54 -24.65 -31.37
N GLY A 688 -1.30 -24.27 -32.63
CA GLY A 688 -0.10 -23.46 -32.95
C GLY A 688 -0.44 -22.14 -33.62
N THR A 689 0.12 -21.02 -33.14
CA THR A 689 -0.09 -19.70 -33.78
C THR A 689 0.51 -18.56 -32.96
N LYS A 690 1.85 -18.44 -32.88
CA LYS A 690 2.39 -17.26 -32.20
C LYS A 690 1.63 -16.89 -30.94
N ASP A 691 1.21 -17.87 -30.16
CA ASP A 691 0.43 -17.59 -28.98
C ASP A 691 1.32 -17.48 -27.75
N SER A 692 2.42 -18.20 -27.76
CA SER A 692 3.33 -18.26 -26.63
C SER A 692 4.00 -16.94 -26.42
N GLU A 693 4.53 -16.39 -27.51
CA GLU A 693 5.26 -15.14 -27.43
C GLU A 693 4.34 -14.04 -26.98
N ALA A 694 3.11 -14.09 -27.45
CA ALA A 694 2.17 -13.06 -27.11
C ALA A 694 1.83 -13.09 -25.64
N ALA A 695 1.65 -14.28 -25.08
CA ALA A 695 1.33 -14.35 -23.66
C ALA A 695 2.47 -13.81 -22.81
N ILE A 696 3.69 -14.11 -23.20
CA ILE A 696 4.82 -13.63 -22.45
C ILE A 696 4.92 -12.12 -22.56
N LYS A 697 4.69 -11.56 -23.75
CA LYS A 697 4.73 -10.12 -23.89
C LYS A 697 3.68 -9.47 -23.00
N VAL A 698 2.50 -10.07 -22.87
CA VAL A 698 1.48 -9.49 -22.02
C VAL A 698 1.97 -9.47 -20.58
N LEU A 699 2.56 -10.58 -20.13
CA LEU A 699 3.03 -10.62 -18.78
C LEU A 699 4.13 -9.58 -18.56
N PHE A 700 5.04 -9.43 -19.53
CA PHE A 700 6.06 -8.42 -19.35
C PHE A 700 5.50 -7.03 -19.35
N ASN A 701 4.53 -6.74 -20.20
CA ASN A 701 4.04 -5.38 -20.19
C ASN A 701 3.39 -5.08 -18.85
N HIS A 702 2.74 -6.06 -18.26
CA HIS A 702 2.13 -5.88 -16.97
C HIS A 702 3.18 -5.59 -15.91
N ILE A 703 4.23 -6.41 -15.88
CA ILE A 703 5.20 -6.26 -14.82
C ILE A 703 6.00 -4.97 -15.00
N LYS A 704 6.28 -4.57 -16.24
CA LYS A 704 6.98 -3.31 -16.50
C LYS A 704 6.16 -2.14 -16.01
N GLU A 705 4.85 -2.20 -16.20
CA GLU A 705 3.99 -1.12 -15.78
C GLU A 705 4.05 -0.99 -14.28
N ILE A 706 4.07 -2.12 -13.58
CA ILE A 706 4.13 -2.04 -12.13
C ILE A 706 5.45 -1.45 -11.72
N ALA A 707 6.55 -1.91 -12.31
CA ALA A 707 7.82 -1.37 -11.88
C ALA A 707 7.86 0.13 -12.08
N THR A 708 7.26 0.61 -13.16
CA THR A 708 7.22 2.04 -13.41
C THR A 708 6.40 2.70 -12.32
N ILE A 709 5.25 2.15 -12.00
CA ILE A 709 4.38 2.73 -10.98
C ILE A 709 5.06 2.77 -9.60
N CYS A 710 5.75 1.68 -9.19
CA CYS A 710 6.44 1.53 -7.92
C CYS A 710 7.48 2.62 -7.78
N LYS A 711 8.39 2.69 -8.74
CA LYS A 711 9.45 3.66 -8.68
C LYS A 711 8.93 5.09 -8.65
N ASP A 712 7.89 5.34 -9.41
CA ASP A 712 7.33 6.66 -9.55
C ASP A 712 6.60 7.13 -8.28
N ASN A 713 6.32 6.23 -7.34
CA ASN A 713 5.65 6.64 -6.12
C ASN A 713 6.60 6.62 -4.95
N ASN A 714 7.87 6.36 -5.24
CA ASN A 714 8.94 6.27 -4.26
C ASN A 714 10.21 6.84 -4.85
N THR A 715 10.20 8.13 -5.18
CA THR A 715 11.33 8.69 -5.91
C THR A 715 12.44 9.06 -4.96
N ASN A 716 13.63 9.30 -5.47
CA ASN A 716 14.74 9.61 -4.57
C ASN A 716 14.51 10.94 -3.87
N GLU A 717 13.88 11.86 -4.59
CA GLU A 717 13.64 13.20 -4.06
C GLU A 717 12.60 13.20 -2.96
N GLY A 718 11.86 12.11 -2.81
CA GLY A 718 10.86 11.99 -1.76
C GLY A 718 11.41 11.41 -0.43
N CYS A 719 12.68 10.99 -0.43
CA CYS A 719 13.24 10.33 0.78
C CYS A 719 13.84 11.39 1.70
N ASP A 720 13.90 11.11 3.00
CA ASP A 720 14.43 12.09 3.97
C ASP A 720 15.91 12.36 3.67
N PRO A 721 16.40 13.60 3.79
CA PRO A 721 17.82 13.90 3.57
C PRO A 721 18.69 13.32 4.69
N ASP A 739 11.02 19.33 15.81
CA ASP A 739 10.52 19.13 14.45
C ASP A 739 11.63 19.43 13.41
N LYS A 740 11.69 18.58 12.35
CA LYS A 740 12.65 18.66 11.24
C LYS A 740 11.95 19.20 10.01
N VAL A 741 12.73 19.71 9.07
CA VAL A 741 12.13 20.22 7.85
C VAL A 741 11.84 19.12 6.86
N ILE A 742 10.61 19.11 6.37
CA ILE A 742 10.15 18.17 5.37
C ILE A 742 10.13 18.88 4.04
N SER A 743 10.75 18.26 3.05
CA SER A 743 10.87 18.84 1.72
C SER A 743 9.57 18.95 0.97
N VAL A 744 9.50 19.95 0.11
CA VAL A 744 8.35 20.17 -0.75
C VAL A 744 8.16 18.97 -1.69
N LYS A 745 9.23 18.23 -1.91
CA LYS A 745 9.17 17.07 -2.77
C LYS A 745 8.48 15.93 -2.04
N GLN A 746 8.55 15.92 -0.71
CA GLN A 746 7.98 14.83 0.06
C GLN A 746 6.47 15.00 0.07
N ILE A 747 6.04 16.25 0.14
CA ILE A 747 4.62 16.51 0.03
C ILE A 747 4.14 16.28 -1.39
N ALA A 748 4.96 16.60 -2.38
CA ALA A 748 4.54 16.33 -3.72
C ALA A 748 4.35 14.83 -3.90
N GLN A 749 5.22 14.02 -3.28
CA GLN A 749 5.12 12.57 -3.39
C GLN A 749 3.79 12.13 -2.80
N TYR A 750 3.38 12.74 -1.70
CA TYR A 750 2.11 12.45 -1.07
C TYR A 750 0.95 12.71 -2.02
N TYR A 751 0.93 13.87 -2.64
CA TYR A 751 -0.18 14.14 -3.53
C TYR A 751 -0.17 13.24 -4.73
N LYS A 752 1.01 12.84 -5.18
CA LYS A 752 1.07 11.92 -6.27
C LYS A 752 0.50 10.57 -5.89
N ARG A 753 0.81 10.09 -4.68
CA ARG A 753 0.28 8.82 -4.24
C ARG A 753 -1.24 8.87 -4.20
N ILE A 754 -1.79 10.02 -3.82
CA ILE A 754 -3.22 10.17 -3.84
C ILE A 754 -3.73 10.07 -5.25
N ALA A 755 -3.10 10.77 -6.18
CA ALA A 755 -3.56 10.73 -7.56
C ALA A 755 -3.54 9.31 -8.09
N HIS A 756 -2.53 8.55 -7.72
CA HIS A 756 -2.43 7.17 -8.17
C HIS A 756 -3.62 6.37 -7.69
N LYS A 757 -3.90 6.47 -6.40
CA LYS A 757 -5.00 5.75 -5.83
C LYS A 757 -6.30 6.15 -6.47
N GLN A 758 -6.48 7.45 -6.72
CA GLN A 758 -7.71 7.90 -7.31
C GLN A 758 -7.89 7.34 -8.70
N LEU A 759 -6.83 7.25 -9.49
CA LEU A 759 -6.98 6.68 -10.82
C LEU A 759 -7.34 5.23 -10.75
N ASN A 760 -6.73 4.49 -9.84
CA ASN A 760 -7.05 3.08 -9.77
C ASN A 760 -8.52 2.88 -9.45
N GLU A 761 -9.07 3.75 -8.61
CA GLU A 761 -10.48 3.68 -8.26
C GLU A 761 -11.42 4.19 -9.34
N ARG A 762 -11.02 5.27 -10.03
CA ARG A 762 -11.86 5.94 -11.03
C ARG A 762 -11.92 5.28 -12.39
N GLY A 763 -10.78 4.85 -12.90
CA GLY A 763 -10.73 4.32 -14.25
C GLY A 763 -9.73 3.21 -14.38
N SER A 764 -8.93 3.34 -15.41
CA SER A 764 -7.94 2.35 -15.74
C SER A 764 -6.76 2.96 -16.45
N ARG A 765 -5.56 2.58 -16.02
CA ARG A 765 -4.38 3.07 -16.71
C ARG A 765 -4.32 2.49 -18.10
N SER A 766 -4.76 1.25 -18.25
CA SER A 766 -4.73 0.64 -19.56
C SER A 766 -5.69 1.37 -20.49
N ALA A 767 -6.85 1.75 -19.96
CA ALA A 767 -7.83 2.47 -20.78
C ALA A 767 -7.31 3.82 -21.24
N LEU A 768 -6.57 4.51 -20.39
CA LEU A 768 -6.10 5.85 -20.75
C LEU A 768 -4.69 6.00 -21.29
N LYS A 769 -3.79 5.08 -21.00
CA LYS A 769 -2.42 5.19 -21.46
C LYS A 769 -2.39 5.00 -22.97
N GLY A 770 -1.75 5.91 -23.69
CA GLY A 770 -1.69 5.79 -25.13
C GLY A 770 -0.44 5.09 -25.64
N ASP A 771 -0.32 5.10 -26.96
CA ASP A 771 0.77 4.52 -27.72
C ASP A 771 0.95 5.34 -29.00
N ALA A 772 1.99 6.15 -29.02
CA ALA A 772 2.19 7.10 -30.10
C ALA A 772 2.63 6.42 -31.38
N SER A 773 2.97 5.14 -31.32
CA SER A 773 3.38 4.43 -32.52
C SER A 773 2.13 4.03 -33.30
N LYS A 774 0.97 4.16 -32.65
CA LYS A 774 -0.33 3.82 -33.24
C LYS A 774 -1.15 5.10 -33.59
N GLY A 775 -0.93 6.21 -32.84
CA GLY A 775 -1.56 7.50 -33.03
C GLY A 775 -0.60 8.58 -32.56
N VAL A 839 -0.26 37.85 -11.34
CA VAL A 839 0.62 36.77 -11.77
C VAL A 839 1.59 37.31 -12.84
N PHE A 840 2.90 36.99 -12.68
CA PHE A 840 3.98 37.36 -13.60
C PHE A 840 4.53 36.11 -14.26
N LEU A 841 4.27 36.01 -15.56
CA LEU A 841 4.60 34.86 -16.39
C LEU A 841 6.12 34.68 -16.61
N PRO A 842 6.73 33.55 -16.19
CA PRO A 842 8.14 33.24 -16.35
C PRO A 842 8.54 33.21 -17.82
N PRO A 843 9.76 33.64 -18.15
CA PRO A 843 10.32 33.75 -19.49
C PRO A 843 10.43 32.43 -20.22
N ARG A 844 10.41 31.33 -19.48
CA ARG A 844 10.47 30.05 -20.15
C ARG A 844 9.14 29.77 -20.80
N ARG A 845 8.07 30.13 -20.12
CA ARG A 845 6.74 29.82 -20.59
C ARG A 845 6.42 30.71 -21.77
N GLN A 846 6.99 31.90 -21.73
CA GLN A 846 6.81 32.88 -22.78
C GLN A 846 7.34 32.37 -24.13
N HIS A 847 8.20 31.34 -24.09
CA HIS A 847 8.79 30.77 -25.28
C HIS A 847 8.43 29.30 -25.43
N MET A 848 7.29 28.91 -24.88
CA MET A 848 6.83 27.53 -25.00
C MET A 848 6.07 27.32 -26.31
N CYS A 849 6.31 26.16 -26.90
CA CYS A 849 5.68 25.74 -28.15
C CYS A 849 4.25 25.21 -28.03
N THR A 850 3.35 25.85 -28.78
CA THR A 850 1.94 25.48 -28.91
C THR A 850 1.68 25.11 -30.38
N SER A 851 2.77 24.99 -31.13
CA SER A 851 2.77 24.73 -32.57
C SER A 851 2.80 23.24 -32.89
N ASN A 852 2.83 22.39 -31.88
CA ASN A 852 2.88 20.95 -32.08
C ASN A 852 1.57 20.48 -32.70
N LEU A 853 0.50 21.18 -32.33
CA LEU A 853 -0.84 20.85 -32.90
C LEU A 853 -0.85 21.40 -34.33
N GLU A 854 -0.27 22.58 -34.53
CA GLU A 854 -0.18 23.17 -35.89
C GLU A 854 0.67 22.23 -36.75
N HIS A 855 1.74 21.68 -36.17
CA HIS A 855 2.59 20.71 -36.92
C HIS A 855 1.70 19.62 -37.53
N LEU A 868 -8.51 5.86 -30.96
CA LEU A 868 -7.11 6.20 -30.56
C LEU A 868 -7.00 7.72 -30.40
N ALA A 869 -8.05 8.38 -29.92
CA ALA A 869 -7.97 9.84 -29.67
C ALA A 869 -6.90 10.07 -28.60
N ILE A 870 -6.84 9.21 -27.58
CA ILE A 870 -5.78 9.32 -26.55
C ILE A 870 -4.44 9.11 -27.25
N HIS A 871 -4.38 8.16 -28.18
CA HIS A 871 -3.12 7.89 -28.93
C HIS A 871 -2.76 9.14 -29.74
N SER A 872 -3.71 9.67 -30.51
CA SER A 872 -3.38 10.87 -31.26
C SER A 872 -2.93 11.97 -30.32
N LEU A 873 -3.57 12.08 -29.15
CA LEU A 873 -3.17 13.08 -28.18
C LEU A 873 -1.79 12.78 -27.66
N LEU A 874 -1.50 11.52 -27.33
CA LEU A 874 -0.18 11.26 -26.81
C LEU A 874 0.85 11.66 -27.82
N GLY A 875 0.60 11.35 -29.10
CA GLY A 875 1.52 11.72 -30.16
C GLY A 875 1.81 13.23 -30.13
N ASP A 876 0.77 14.07 -30.12
CA ASP A 876 0.97 15.52 -30.11
C ASP A 876 1.72 15.98 -28.86
N VAL A 877 1.43 15.37 -27.72
CA VAL A 877 2.11 15.74 -26.51
C VAL A 877 3.56 15.37 -26.52
N LEU A 878 3.90 14.17 -26.96
CA LEU A 878 5.28 13.77 -26.93
C LEU A 878 6.07 14.63 -27.88
N LEU A 879 5.44 15.03 -28.99
CA LEU A 879 6.11 15.91 -29.92
C LEU A 879 6.43 17.22 -29.25
N ALA A 880 5.45 17.81 -28.56
CA ALA A 880 5.69 19.07 -27.87
C ALA A 880 6.76 18.92 -26.82
N ALA A 881 6.76 17.79 -26.14
CA ALA A 881 7.72 17.57 -25.09
C ALA A 881 9.13 17.55 -25.62
N LYS A 882 9.33 16.86 -26.75
CA LYS A 882 10.67 16.79 -27.31
C LYS A 882 11.10 18.13 -27.86
N GLU A 883 10.18 18.82 -28.53
CA GLU A 883 10.55 20.09 -29.10
C GLU A 883 10.89 21.10 -28.03
N GLN A 884 10.11 21.13 -26.95
CA GLN A 884 10.41 22.14 -25.96
C GLN A 884 11.72 21.83 -25.31
N ALA A 885 12.01 20.54 -25.08
CA ALA A 885 13.27 20.19 -24.47
C ALA A 885 14.43 20.62 -25.36
N ASN A 886 14.25 20.47 -26.68
CA ASN A 886 15.29 20.83 -27.62
C ASN A 886 15.46 22.34 -27.67
N PHE A 887 14.36 23.08 -27.55
CA PHE A 887 14.42 24.53 -27.53
C PHE A 887 15.25 24.99 -26.37
N ILE A 888 14.95 24.43 -25.20
CA ILE A 888 15.63 24.82 -23.99
C ILE A 888 17.11 24.49 -24.11
N LYS A 889 17.44 23.30 -24.60
CA LYS A 889 18.84 22.97 -24.76
C LYS A 889 19.54 23.97 -25.63
N ASN A 890 18.91 24.37 -26.73
CA ASN A 890 19.56 25.32 -27.61
C ASN A 890 19.67 26.69 -26.96
N LYS A 891 18.66 27.10 -26.20
CA LYS A 891 18.72 28.37 -25.52
C LYS A 891 19.95 28.43 -24.65
N TYR A 892 20.24 27.30 -24.02
CA TYR A 892 21.38 27.17 -23.15
C TYR A 892 22.57 26.43 -23.77
N LYS A 893 22.56 26.22 -25.09
CA LYS A 893 23.67 25.61 -25.82
C LYS A 893 24.58 26.77 -26.16
N ARG A 894 23.92 27.90 -26.37
CA ARG A 894 24.54 29.17 -26.68
C ARG A 894 25.17 29.77 -25.43
N GLN A 895 24.84 29.16 -24.29
CA GLN A 895 25.26 29.52 -22.96
C GLN A 895 25.94 28.30 -22.34
N LYS A 896 26.72 27.58 -23.14
CA LYS A 896 27.45 26.40 -22.68
C LYS A 896 28.91 26.53 -23.10
N ALA A 897 29.51 27.67 -22.77
CA ALA A 897 30.90 27.95 -23.13
C ALA A 897 31.91 27.42 -22.11
N SER A 898 31.41 26.81 -21.03
CA SER A 898 32.15 26.23 -19.90
C SER A 898 33.08 27.22 -19.18
N ASN A 899 32.70 28.49 -19.23
CA ASN A 899 33.39 29.61 -18.61
C ASN A 899 32.38 30.55 -17.99
N GLY A 900 31.93 30.19 -16.78
CA GLY A 900 30.84 30.89 -16.09
C GLY A 900 29.49 30.22 -16.42
N PHE A 901 29.59 29.19 -17.25
CA PHE A 901 28.49 28.39 -17.76
C PHE A 901 28.58 26.92 -17.35
N LYS A 902 29.19 26.66 -16.20
CA LYS A 902 29.39 25.28 -15.72
C LYS A 902 28.30 24.77 -14.77
N ASP A 903 27.31 25.60 -14.46
CA ASP A 903 26.29 25.18 -13.51
C ASP A 903 25.14 24.46 -14.21
N LYS A 904 25.16 23.14 -14.09
CA LYS A 904 24.26 22.19 -14.74
C LYS A 904 22.83 22.35 -14.26
N GLY A 905 22.68 23.01 -13.12
CA GLY A 905 21.40 23.23 -12.52
C GLY A 905 20.51 24.10 -13.39
N THR A 906 21.09 25.01 -14.19
CA THR A 906 20.22 25.88 -14.97
C THR A 906 19.44 25.07 -15.98
N ILE A 907 20.15 24.17 -16.66
CA ILE A 907 19.50 23.35 -17.66
C ILE A 907 18.59 22.29 -17.08
N CYS A 908 18.97 21.62 -15.95
CA CYS A 908 18.15 20.61 -15.28
C CYS A 908 16.83 21.23 -14.84
N ARG A 909 16.93 22.36 -14.15
CA ARG A 909 15.74 23.00 -13.69
C ARG A 909 14.86 23.43 -14.85
N ALA A 910 15.43 23.97 -15.92
CA ALA A 910 14.58 24.40 -17.01
C ALA A 910 13.78 23.24 -17.58
N ILE A 911 14.41 22.08 -17.71
CA ILE A 911 13.70 20.93 -18.23
C ILE A 911 12.61 20.49 -17.28
N ARG A 912 12.90 20.44 -15.98
CA ARG A 912 11.87 20.00 -15.05
C ARG A 912 10.72 21.00 -14.95
N TYR A 913 10.99 22.29 -15.04
CA TYR A 913 9.89 23.23 -14.94
C TYR A 913 9.04 23.14 -16.18
N SER A 914 9.67 22.95 -17.34
CA SER A 914 8.93 22.86 -18.57
C SER A 914 8.00 21.67 -18.52
N TYR A 915 8.51 20.55 -18.01
CA TYR A 915 7.72 19.35 -17.88
C TYR A 915 6.50 19.59 -17.03
N ALA A 916 6.70 20.23 -15.88
CA ALA A 916 5.58 20.50 -14.95
C ALA A 916 4.54 21.40 -15.64
N ASP A 917 5.01 22.47 -16.28
CA ASP A 917 4.07 23.42 -16.95
C ASP A 917 3.33 22.68 -18.06
N LEU A 918 4.02 21.81 -18.80
CA LEU A 918 3.38 21.03 -19.88
C LEU A 918 2.22 20.22 -19.27
N GLY A 919 2.50 19.48 -18.19
CA GLY A 919 1.46 18.68 -17.56
C GLY A 919 0.28 19.57 -17.21
N ASP A 920 0.53 20.75 -16.67
CA ASP A 920 -0.59 21.62 -16.31
C ASP A 920 -1.37 22.06 -17.54
N ILE A 921 -0.70 22.23 -18.68
CA ILE A 921 -1.39 22.59 -19.91
C ILE A 921 -2.32 21.48 -20.33
N ILE A 922 -1.82 20.25 -20.27
CA ILE A 922 -2.55 19.04 -20.62
C ILE A 922 -3.70 18.80 -19.70
N LYS A 923 -3.50 19.01 -18.41
CA LYS A 923 -4.56 18.90 -17.43
C LYS A 923 -5.59 19.98 -17.68
N GLY A 924 -5.15 21.12 -18.21
CA GLY A 924 -6.01 22.24 -18.52
C GLY A 924 -6.23 23.12 -17.30
N THR A 925 -5.28 23.11 -16.38
CA THR A 925 -5.39 23.86 -15.16
C THR A 925 -4.19 24.79 -15.03
N ASP A 926 -4.27 25.96 -15.67
CA ASP A 926 -3.12 26.87 -15.70
C ASP A 926 -3.52 28.29 -15.33
N LEU A 927 -2.54 29.18 -15.35
CA LEU A 927 -2.62 30.58 -15.01
C LEU A 927 -2.58 31.48 -16.23
N TRP A 928 -2.00 30.98 -17.33
CA TRP A 928 -1.81 31.87 -18.47
C TRP A 928 -2.99 31.86 -19.42
N GLU A 929 -3.70 32.97 -19.43
CA GLU A 929 -4.89 33.18 -20.22
C GLU A 929 -4.66 34.35 -21.18
N ALA A 930 -5.67 34.63 -22.01
CA ALA A 930 -5.63 35.75 -22.96
C ALA A 930 -4.44 35.68 -23.91
N ASN A 931 -4.17 34.48 -24.38
CA ASN A 931 -3.11 34.21 -25.33
C ASN A 931 -3.62 33.23 -26.36
N PRO A 932 -3.72 33.59 -27.65
CA PRO A 932 -4.20 32.75 -28.73
C PRO A 932 -3.53 31.37 -28.80
N GLY A 933 -2.24 31.29 -28.48
CA GLY A 933 -1.56 30.00 -28.52
C GLY A 933 -2.15 29.12 -27.45
N GLU A 934 -2.28 29.69 -26.27
CA GLU A 934 -2.80 28.97 -25.13
C GLU A 934 -4.30 28.66 -25.32
N LYS A 935 -5.05 29.59 -25.90
CA LYS A 935 -6.48 29.39 -26.10
C LYS A 935 -6.76 28.31 -27.11
N ASN A 936 -5.98 28.27 -28.20
CA ASN A 936 -6.19 27.27 -29.21
C ASN A 936 -5.81 25.91 -28.66
N THR A 937 -4.80 25.90 -27.79
CA THR A 937 -4.39 24.66 -27.19
C THR A 937 -5.51 24.13 -26.34
N GLN A 938 -6.13 24.98 -25.53
CA GLN A 938 -7.20 24.53 -24.66
C GLN A 938 -8.44 24.18 -25.46
N ARG A 939 -8.66 24.88 -26.56
CA ARG A 939 -9.81 24.61 -27.42
C ARG A 939 -9.72 23.21 -27.96
N ARG A 940 -8.55 22.86 -28.48
CA ARG A 940 -8.36 21.55 -29.03
C ARG A 940 -8.28 20.50 -27.95
N LEU A 941 -7.75 20.87 -26.79
CA LEU A 941 -7.64 19.93 -25.71
C LEU A 941 -9.01 19.53 -25.21
N LYS A 942 -9.93 20.50 -25.03
CA LYS A 942 -11.23 20.07 -24.53
C LYS A 942 -11.96 19.29 -25.62
N THR A 943 -11.66 19.61 -26.89
CA THR A 943 -12.29 18.92 -27.98
C THR A 943 -11.84 17.47 -28.01
N VAL A 944 -10.53 17.23 -27.92
CA VAL A 944 -10.01 15.84 -28.03
C VAL A 944 -10.54 14.99 -26.86
N PHE A 945 -10.51 15.54 -25.64
CA PHE A 945 -10.94 14.75 -24.45
C PHE A 945 -12.41 14.37 -24.58
N GLY A 946 -13.26 15.29 -25.06
CA GLY A 946 -14.66 14.93 -25.30
C GLY A 946 -14.69 13.75 -26.26
N ILE A 947 -13.95 13.86 -27.36
CA ILE A 947 -13.84 12.76 -28.31
C ILE A 947 -13.38 11.49 -27.60
N ILE A 948 -12.37 11.60 -26.73
CA ILE A 948 -11.86 10.46 -26.01
C ILE A 948 -12.93 9.84 -25.16
N LYS A 949 -13.68 10.66 -24.45
CA LYS A 949 -14.74 10.13 -23.63
C LYS A 949 -15.76 9.34 -24.43
N LYS A 950 -16.18 9.88 -25.57
CA LYS A 950 -17.20 9.24 -26.40
C LYS A 950 -16.72 8.01 -27.20
N ASN A 951 -15.52 8.07 -27.76
CA ASN A 951 -15.06 7.00 -28.63
C ASN A 951 -14.34 5.84 -27.97
N MET A 952 -13.59 6.09 -26.91
CA MET A 952 -12.77 5.03 -26.36
C MET A 952 -13.54 4.18 -25.36
N PRO A 953 -13.22 2.87 -25.27
CA PRO A 953 -13.86 1.87 -24.44
C PRO A 953 -13.64 2.05 -22.96
N GLY A 954 -14.54 1.48 -22.18
CA GLY A 954 -14.46 1.51 -20.72
C GLY A 954 -15.00 2.83 -20.23
N ILE A 955 -14.25 3.88 -20.52
CA ILE A 955 -14.55 5.26 -20.12
C ILE A 955 -15.76 5.76 -20.85
N LYS A 956 -16.14 5.02 -21.89
CA LYS A 956 -17.28 5.29 -22.71
C LYS A 956 -18.51 5.43 -21.82
N ASP A 957 -18.59 4.61 -20.78
CA ASP A 957 -19.81 4.65 -19.93
C ASP A 957 -19.47 4.35 -18.47
N ASN A 958 -18.79 5.27 -17.79
CA ASN A 958 -18.56 5.08 -16.34
C ASN A 958 -19.25 6.22 -15.59
N GLN A 959 -20.11 5.89 -14.61
CA GLN A 959 -20.75 6.96 -13.80
C GLN A 959 -19.63 7.73 -13.09
N LYS A 960 -18.63 7.00 -12.61
CA LYS A 960 -17.46 7.68 -11.97
C LYS A 960 -17.09 8.92 -12.79
N TYR A 961 -17.00 8.78 -14.13
CA TYR A 961 -16.56 9.93 -14.91
C TYR A 961 -17.71 10.77 -15.45
N LYS A 962 -18.95 10.51 -15.05
CA LYS A 962 -20.04 11.29 -15.66
C LYS A 962 -20.27 12.64 -14.97
N ASP A 963 -19.19 13.41 -14.90
CA ASP A 963 -19.13 14.76 -14.39
C ASP A 963 -18.39 15.66 -15.36
N ASP A 964 -17.80 15.10 -16.39
CA ASP A 964 -16.97 15.95 -17.24
C ASP A 964 -17.68 17.11 -17.90
N GLU A 965 -18.93 16.92 -18.27
CA GLU A 965 -19.70 17.96 -18.92
C GLU A 965 -20.06 19.11 -17.98
N LYS A 966 -19.92 18.86 -16.67
CA LYS A 966 -20.22 19.85 -15.64
C LYS A 966 -18.99 20.19 -14.80
N ASN A 967 -17.80 19.83 -15.27
CA ASN A 967 -16.59 20.13 -14.53
C ASN A 967 -16.10 21.52 -14.84
N ASN A 968 -15.29 22.04 -13.92
CA ASN A 968 -14.70 23.36 -14.06
C ASN A 968 -13.20 23.30 -13.83
N PRO A 969 -12.41 23.27 -14.89
CA PRO A 969 -12.74 23.33 -16.31
C PRO A 969 -13.44 22.07 -16.81
N PRO A 970 -14.19 22.13 -17.91
CA PRO A 970 -14.86 20.99 -18.51
C PRO A 970 -13.84 19.95 -18.78
N TYR A 971 -14.20 18.70 -18.51
CA TYR A 971 -13.36 17.51 -18.63
C TYR A 971 -12.14 17.47 -17.72
N LYS A 972 -12.16 18.29 -16.66
CA LYS A 972 -11.07 18.29 -15.68
C LYS A 972 -10.73 16.90 -15.19
N LEU A 973 -11.74 16.15 -14.81
CA LEU A 973 -11.49 14.85 -14.21
C LEU A 973 -10.85 13.89 -15.18
N LEU A 974 -11.39 13.81 -16.39
CA LEU A 974 -10.80 12.89 -17.33
C LEU A 974 -9.39 13.34 -17.69
N ARG A 975 -9.16 14.64 -17.85
CA ARG A 975 -7.84 15.07 -18.23
C ARG A 975 -6.81 14.77 -17.16
N GLU A 976 -7.18 14.95 -15.90
CA GLU A 976 -6.25 14.67 -14.83
C GLU A 976 -5.86 13.22 -14.82
N ASP A 977 -6.84 12.35 -15.05
CA ASP A 977 -6.53 10.94 -15.05
C ASP A 977 -5.69 10.57 -16.27
N TRP A 978 -5.94 11.23 -17.40
CA TRP A 978 -5.15 10.94 -18.60
C TRP A 978 -3.71 11.26 -18.30
N TRP A 979 -3.47 12.43 -17.71
CA TRP A 979 -2.11 12.80 -17.39
C TRP A 979 -1.49 11.79 -16.46
N GLU A 980 -2.21 11.39 -15.41
CA GLU A 980 -1.64 10.43 -14.48
C GLU A 980 -1.20 9.17 -15.24
N ALA A 981 -2.02 8.73 -16.18
CA ALA A 981 -1.74 7.57 -17.01
C ALA A 981 -0.60 7.79 -18.03
N ASN A 982 -0.44 9.01 -18.54
CA ASN A 982 0.57 9.28 -19.57
C ASN A 982 1.77 10.17 -19.17
N ARG A 983 1.87 10.59 -17.92
CA ARG A 983 2.96 11.49 -17.53
C ARG A 983 4.38 10.92 -17.62
N ASP A 984 4.54 9.60 -17.51
CA ASP A 984 5.87 9.03 -17.55
C ASP A 984 6.39 9.00 -18.96
N GLN A 985 5.50 8.78 -19.90
CA GLN A 985 5.86 8.74 -21.31
C GLN A 985 6.33 10.11 -21.72
N VAL A 986 5.69 11.13 -21.18
CA VAL A 986 6.05 12.48 -21.53
C VAL A 986 7.43 12.81 -20.99
N TRP A 987 7.68 12.44 -19.73
CA TRP A 987 9.00 12.68 -19.17
C TRP A 987 10.05 11.93 -19.93
N GLN A 988 9.73 10.68 -20.29
CA GLN A 988 10.71 9.87 -20.97
C GLN A 988 11.09 10.53 -22.28
N ALA A 989 10.11 11.10 -22.98
CA ALA A 989 10.45 11.75 -24.22
C ALA A 989 11.40 12.93 -24.00
N MET A 990 11.20 13.68 -22.93
CA MET A 990 12.07 14.82 -22.70
C MET A 990 13.47 14.39 -22.32
N LYS A 991 13.60 13.35 -21.49
CA LYS A 991 14.95 12.97 -21.12
C LYS A 991 15.63 12.29 -22.29
N CYS A 992 14.85 11.68 -23.20
CA CYS A 992 15.46 11.08 -24.37
C CYS A 992 16.02 12.18 -25.23
N ALA A 993 15.25 13.25 -25.40
CA ALA A 993 15.69 14.36 -26.23
C ALA A 993 17.00 14.92 -25.70
N MET A 994 17.13 14.91 -24.38
CA MET A 994 18.29 15.45 -23.70
C MET A 994 19.33 14.41 -23.29
N LYS A 995 19.21 13.16 -23.76
CA LYS A 995 20.12 12.11 -23.30
C LYS A 995 21.58 12.35 -23.67
N ASN A 996 21.83 13.08 -24.74
CA ASN A 996 23.18 13.34 -25.17
C ASN A 996 23.70 14.70 -24.74
N GLY A 997 23.00 15.32 -23.81
CA GLY A 997 23.40 16.61 -23.26
C GLY A 997 23.80 16.43 -21.82
N ILE A 998 23.40 17.38 -21.01
CA ILE A 998 23.64 17.38 -19.58
C ILE A 998 22.50 16.62 -18.94
N THR A 999 22.82 15.67 -18.06
CA THR A 999 21.79 14.88 -17.41
C THR A 999 21.17 15.71 -16.30
N CYS A 1000 19.97 15.30 -15.78
CA CYS A 1000 19.23 16.05 -14.76
C CYS A 1000 18.87 15.19 -13.55
N GLY A 1001 19.71 15.31 -12.53
CA GLY A 1001 19.60 14.54 -11.31
C GLY A 1001 19.78 13.05 -11.55
N SER A 1002 18.83 12.28 -11.04
CA SER A 1002 18.83 10.82 -11.15
C SER A 1002 18.67 10.32 -12.57
N SER A 1003 19.30 9.18 -12.83
CA SER A 1003 19.23 8.50 -14.10
C SER A 1003 17.85 7.90 -14.36
N ASP A 1004 17.04 7.81 -13.30
CA ASP A 1004 15.71 7.22 -13.38
C ASP A 1004 14.71 8.02 -12.54
N HIS A 1005 13.46 7.57 -12.54
CA HIS A 1005 12.32 8.16 -11.87
C HIS A 1005 11.85 9.36 -12.66
N THR A 1006 10.74 9.94 -12.23
CA THR A 1006 10.16 11.08 -12.89
C THR A 1006 10.05 12.12 -11.78
N PRO A 1007 10.29 13.42 -12.03
CA PRO A 1007 10.13 14.50 -11.10
C PRO A 1007 8.71 14.57 -10.61
N LEU A 1008 8.54 15.07 -9.40
CA LEU A 1008 7.23 15.25 -8.76
C LEU A 1008 6.67 16.67 -8.98
N ASP A 1009 7.38 17.44 -9.78
CA ASP A 1009 7.05 18.84 -10.03
C ASP A 1009 5.69 19.09 -10.65
N ASP A 1010 5.09 18.13 -11.34
CA ASP A 1010 3.78 18.40 -11.88
C ASP A 1010 2.69 18.32 -10.79
N TYR A 1011 3.05 17.84 -9.60
CA TYR A 1011 2.10 17.78 -8.51
C TYR A 1011 2.20 19.02 -7.66
N ILE A 1012 3.36 19.66 -7.67
CA ILE A 1012 3.49 20.87 -6.89
C ILE A 1012 2.72 21.97 -7.63
N PRO A 1013 1.78 22.68 -6.99
CA PRO A 1013 0.97 23.71 -7.60
C PRO A 1013 1.81 24.72 -8.31
N GLN A 1014 1.35 25.11 -9.48
CA GLN A 1014 2.06 26.03 -10.36
C GLN A 1014 2.41 27.35 -9.75
N LYS A 1015 1.54 27.89 -8.90
CA LYS A 1015 1.89 29.17 -8.32
C LYS A 1015 3.12 29.05 -7.44
N LEU A 1016 3.26 27.90 -6.78
CA LEU A 1016 4.43 27.66 -5.89
C LEU A 1016 5.65 27.40 -6.78
N ARG A 1017 5.45 26.69 -7.89
CA ARG A 1017 6.57 26.40 -8.82
C ARG A 1017 7.10 27.71 -9.38
N TRP A 1018 6.19 28.64 -9.70
CA TRP A 1018 6.60 29.93 -10.29
C TRP A 1018 7.25 30.83 -9.22
N LEU A 1019 6.76 30.79 -7.98
CA LEU A 1019 7.42 31.58 -6.96
C LEU A 1019 8.85 31.11 -6.79
N THR A 1020 9.05 29.80 -6.75
CA THR A 1020 10.39 29.27 -6.60
C THR A 1020 11.25 29.66 -7.78
N GLU A 1021 10.70 29.51 -8.99
CA GLU A 1021 11.47 29.87 -10.15
C GLU A 1021 11.85 31.33 -10.13
N TRP A 1022 10.90 32.20 -9.80
CA TRP A 1022 11.23 33.60 -9.80
C TRP A 1022 12.28 33.90 -8.80
N ALA A 1023 12.22 33.29 -7.63
CA ALA A 1023 13.24 33.58 -6.67
C ALA A 1023 14.62 33.23 -7.20
N GLU A 1024 14.73 32.09 -7.90
CA GLU A 1024 16.04 31.72 -8.44
C GLU A 1024 16.43 32.63 -9.60
N TRP A 1025 15.45 33.00 -10.42
CA TRP A 1025 15.69 33.86 -11.56
C TRP A 1025 16.21 35.20 -11.06
N TYR A 1026 15.56 35.73 -10.01
CA TYR A 1026 15.94 37.00 -9.44
C TYR A 1026 17.32 36.89 -8.88
N CYS A 1027 17.65 35.77 -8.24
CA CYS A 1027 18.97 35.67 -7.69
C CYS A 1027 20.00 35.77 -8.80
N LYS A 1028 19.76 35.11 -9.94
CA LYS A 1028 20.70 35.19 -11.04
C LYS A 1028 20.76 36.58 -11.63
N ALA A 1029 19.59 37.20 -11.79
CA ALA A 1029 19.52 38.53 -12.37
C ALA A 1029 20.24 39.55 -11.51
N GLN A 1030 20.09 39.41 -10.20
CA GLN A 1030 20.69 40.30 -9.24
C GLN A 1030 22.20 40.09 -9.20
N SER A 1031 22.63 38.83 -9.31
CA SER A 1031 24.04 38.50 -9.31
C SER A 1031 24.73 39.15 -10.50
N LYS A 1032 24.09 39.10 -11.67
CA LYS A 1032 24.69 39.71 -12.83
C LYS A 1032 24.84 41.21 -12.66
N GLU A 1033 23.83 41.89 -12.08
CA GLU A 1033 23.94 43.32 -11.91
C GLU A 1033 25.05 43.66 -10.93
N TYR A 1034 25.16 42.84 -9.87
CA TYR A 1034 26.19 42.99 -8.86
C TYR A 1034 27.57 42.90 -9.44
N GLU A 1035 27.84 41.87 -10.23
CA GLU A 1035 29.17 41.75 -10.76
C GLU A 1035 29.47 42.89 -11.71
N LYS A 1036 28.49 43.33 -12.51
CA LYS A 1036 28.80 44.45 -13.40
C LYS A 1036 29.22 45.68 -12.58
N LEU A 1037 28.53 45.91 -11.46
CA LEU A 1037 28.85 47.03 -10.61
C LEU A 1037 30.24 46.91 -10.01
N LYS A 1038 30.62 45.73 -9.53
CA LYS A 1038 31.95 45.57 -8.96
C LYS A 1038 33.04 45.65 -10.02
N GLU A 1039 32.77 45.14 -11.23
CA GLU A 1039 33.76 45.24 -12.31
C GLU A 1039 34.04 46.71 -12.72
N LYS A 1040 32.98 47.58 -12.73
CA LYS A 1040 33.00 49.01 -13.09
C LYS A 1040 34.20 49.73 -12.44
N CYS A 1057 35.80 56.89 -9.48
CA CYS A 1057 34.95 56.63 -8.32
C CYS A 1057 33.48 57.07 -8.57
N GLU A 1058 33.27 58.27 -9.19
CA GLU A 1058 31.97 58.88 -9.49
C GLU A 1058 31.16 58.01 -10.44
N LYS A 1059 31.88 57.32 -11.31
CA LYS A 1059 31.30 56.41 -12.27
C LYS A 1059 30.70 55.18 -11.59
N CYS A 1060 31.24 54.79 -10.41
CA CYS A 1060 30.75 53.62 -9.74
C CYS A 1060 29.53 54.03 -8.95
N LYS A 1061 29.54 55.27 -8.47
CA LYS A 1061 28.40 55.77 -7.73
C LYS A 1061 27.20 55.83 -8.66
N ALA A 1062 27.44 56.25 -9.91
CA ALA A 1062 26.37 56.30 -10.89
C ALA A 1062 25.87 54.89 -11.19
N ALA A 1063 26.81 53.94 -11.28
CA ALA A 1063 26.46 52.56 -11.52
C ALA A 1063 25.68 51.99 -10.34
N CYS A 1064 26.01 52.43 -9.12
CA CYS A 1064 25.33 51.96 -7.93
C CYS A 1064 23.88 52.36 -7.99
N LYS A 1065 23.60 53.57 -8.45
CA LYS A 1065 22.22 54.01 -8.56
C LYS A 1065 21.46 53.15 -9.58
N LYS A 1066 22.11 52.85 -10.71
CA LYS A 1066 21.45 52.03 -11.73
C LYS A 1066 21.18 50.63 -11.20
N TYR A 1067 22.15 50.11 -10.46
CA TYR A 1067 22.06 48.82 -9.83
C TYR A 1067 20.88 48.82 -8.89
N GLY A 1068 20.79 49.82 -8.02
CA GLY A 1068 19.70 49.85 -7.07
C GLY A 1068 18.34 49.85 -7.75
N LYS A 1069 18.20 50.54 -8.87
CA LYS A 1069 16.92 50.56 -9.57
C LYS A 1069 16.54 49.18 -10.10
N ASN A 1070 17.51 48.43 -10.63
CA ASN A 1070 17.19 47.11 -11.15
C ASN A 1070 16.91 46.13 -10.04
N ILE A 1071 17.66 46.24 -8.95
CA ILE A 1071 17.46 45.31 -7.86
C ILE A 1071 16.12 45.59 -7.24
N LYS A 1072 15.80 46.86 -7.02
CA LYS A 1072 14.54 47.24 -6.42
C LYS A 1072 13.39 46.74 -7.25
N THR A 1073 13.47 46.86 -8.57
CA THR A 1073 12.36 46.40 -9.38
C THR A 1073 12.09 44.93 -9.10
N TRP A 1074 13.14 44.12 -9.09
CA TRP A 1074 12.97 42.71 -8.83
C TRP A 1074 12.46 42.44 -7.42
N GLU A 1075 12.96 43.19 -6.44
CA GLU A 1075 12.51 42.99 -5.07
C GLU A 1075 11.04 43.39 -4.91
N ASP A 1076 10.59 44.43 -5.59
CA ASP A 1076 9.20 44.84 -5.46
C ASP A 1076 8.28 43.80 -6.10
N GLN A 1077 8.71 43.20 -7.20
CA GLN A 1077 7.91 42.18 -7.82
C GLN A 1077 7.81 40.99 -6.85
N TRP A 1078 8.93 40.70 -6.18
CA TRP A 1078 8.98 39.63 -5.22
C TRP A 1078 8.03 39.91 -4.07
N LYS A 1079 8.03 41.14 -3.56
CA LYS A 1079 7.15 41.50 -2.46
C LYS A 1079 5.70 41.22 -2.81
N VAL A 1080 5.30 41.49 -4.04
CA VAL A 1080 3.90 41.26 -4.38
C VAL A 1080 3.57 39.78 -4.32
N ILE A 1081 4.43 38.96 -4.89
CA ILE A 1081 4.15 37.53 -4.87
C ILE A 1081 4.30 36.93 -3.47
N SER A 1082 5.27 37.42 -2.68
CA SER A 1082 5.46 36.89 -1.34
C SER A 1082 4.28 37.25 -0.47
N SER A 1083 3.63 38.38 -0.75
CA SER A 1083 2.45 38.78 -0.02
C SER A 1083 1.34 37.79 -0.30
N LYS A 1084 1.19 37.42 -1.58
CA LYS A 1084 0.16 36.45 -1.94
C LYS A 1084 0.44 35.11 -1.26
N TYR A 1085 1.72 34.72 -1.17
CA TYR A 1085 2.08 33.49 -0.49
C TYR A 1085 1.59 33.54 0.93
N LYS A 1086 1.88 34.64 1.62
CA LYS A 1086 1.49 34.75 3.01
C LYS A 1086 -0.01 34.64 3.17
N GLU A 1087 -0.79 35.24 2.27
CA GLU A 1087 -2.22 35.14 2.42
C GLU A 1087 -2.72 33.72 2.21
N LEU A 1088 -2.15 33.01 1.24
CA LEU A 1088 -2.58 31.64 1.00
C LEU A 1088 -2.14 30.75 2.15
N TYR A 1089 -0.97 31.04 2.69
CA TYR A 1089 -0.50 30.31 3.83
C TYR A 1089 -1.46 30.48 4.99
N LYS A 1090 -1.83 31.73 5.28
CA LYS A 1090 -2.77 31.97 6.35
C LYS A 1090 -4.07 31.25 6.09
N GLN A 1091 -4.51 31.19 4.84
CA GLN A 1091 -5.74 30.48 4.55
C GLN A 1091 -5.59 29.02 4.95
N ALA A 1092 -4.39 28.46 4.73
CA ALA A 1092 -4.14 27.08 5.10
C ALA A 1092 -4.22 26.92 6.62
N GLU A 1093 -3.70 27.91 7.37
CA GLU A 1093 -3.78 27.86 8.83
C GLU A 1093 -5.23 27.99 9.30
N ILE A 1094 -6.01 28.80 8.59
CA ILE A 1094 -7.42 29.00 8.91
C ILE A 1094 -8.18 27.71 8.74
N TYR A 1095 -7.94 27.02 7.64
CA TYR A 1095 -8.59 25.75 7.50
C TYR A 1095 -8.06 24.75 8.50
N ALA A 1096 -6.74 24.71 8.71
CA ALA A 1096 -6.16 23.74 9.63
C ALA A 1096 -6.71 23.91 11.02
N GLY A 1097 -6.95 25.15 11.42
CA GLY A 1097 -7.46 25.48 12.74
C GLY A 1097 -8.86 24.94 12.98
N ASN A 1098 -9.54 24.53 11.91
CA ASN A 1098 -10.86 23.96 11.97
C ASN A 1098 -10.87 22.50 11.48
N GLY A 1099 -9.68 21.91 11.34
CA GLY A 1099 -9.48 20.53 10.89
C GLY A 1099 -9.01 20.39 9.43
N GLY A 1100 -9.07 21.47 8.66
CA GLY A 1100 -8.66 21.49 7.26
C GLY A 1100 -9.76 21.79 6.25
N PRO A 1101 -9.48 21.73 4.93
CA PRO A 1101 -10.48 22.10 3.92
C PRO A 1101 -11.79 21.33 4.14
N GLY A 1102 -12.91 22.06 4.20
CA GLY A 1102 -14.21 21.42 4.43
C GLY A 1102 -14.42 21.12 5.91
N TYR A 1103 -13.50 21.59 6.76
CA TYR A 1103 -13.60 21.35 8.22
C TYR A 1103 -13.43 22.69 8.95
N ASP A 1112 -6.50 28.57 -6.27
CA ASP A 1112 -5.47 28.76 -5.23
C ASP A 1112 -5.79 27.87 -4.02
N LYS A 1113 -7.03 27.34 -3.97
CA LYS A 1113 -7.39 26.41 -2.85
C LYS A 1113 -6.51 25.17 -2.94
N PRO A 1114 -6.20 24.59 -4.12
CA PRO A 1114 -5.26 23.47 -4.20
C PRO A 1114 -3.94 23.93 -3.57
N VAL A 1115 -3.51 25.15 -3.89
CA VAL A 1115 -2.27 25.71 -3.26
C VAL A 1115 -2.52 25.69 -1.76
N VAL A 1116 -3.69 26.17 -1.32
CA VAL A 1116 -4.02 26.15 0.08
C VAL A 1116 -4.01 24.70 0.56
N ASP A 1117 -4.57 23.78 -0.22
CA ASP A 1117 -4.59 22.38 0.19
C ASP A 1117 -3.17 21.84 0.30
N PHE A 1118 -2.31 22.24 -0.60
CA PHE A 1118 -0.94 21.81 -0.56
C PHE A 1118 -0.26 22.36 0.69
N LEU A 1119 -0.44 23.65 0.95
CA LEU A 1119 0.19 24.28 2.10
C LEU A 1119 -0.36 23.71 3.38
N TYR A 1120 -1.65 23.35 3.41
CA TYR A 1120 -2.26 22.75 4.58
C TYR A 1120 -1.53 21.49 4.96
N ASN A 1121 -1.32 20.61 3.99
CA ASN A 1121 -0.62 19.40 4.35
C ASN A 1121 0.84 19.63 4.68
N LEU A 1122 1.45 20.64 4.07
CA LEU A 1122 2.85 20.91 4.35
C LEU A 1122 2.97 21.45 5.78
N TYR A 1123 2.03 22.31 6.15
CA TYR A 1123 1.93 22.93 7.45
C TYR A 1123 1.86 21.89 8.53
N LEU A 1124 0.96 20.93 8.36
CA LEU A 1124 0.79 19.91 9.37
C LEU A 1124 2.03 19.03 9.47
N GLN A 1125 2.64 18.71 8.34
CA GLN A 1125 3.83 17.87 8.38
C GLN A 1125 4.98 18.54 9.09
N ASN A 1126 5.05 19.85 9.00
CA ASN A 1126 6.14 20.61 9.58
C ASN A 1126 5.84 21.23 10.95
N GLY A 1127 4.81 20.73 11.65
CA GLY A 1127 4.55 21.22 13.01
C GLY A 1127 3.15 21.75 13.31
N GLY A 1128 2.36 22.07 12.30
CA GLY A 1128 1.03 22.58 12.56
C GLY A 1128 0.15 21.44 13.03
N LYS A 1129 -1.00 21.75 13.62
CA LYS A 1129 -1.88 20.72 14.13
C LYS A 1129 -3.30 20.91 13.62
N LYS A 1130 -4.00 19.81 13.38
CA LYS A 1130 -5.41 19.91 12.88
C LYS A 1130 -6.29 20.48 13.99
N GLY A 1131 -6.38 21.81 14.06
CA GLY A 1131 -7.19 22.46 15.12
C GLY A 1131 -8.66 22.12 14.96
N PRO A 1132 -9.42 21.92 16.06
CA PRO A 1132 -10.82 21.52 15.96
C PRO A 1132 -11.56 22.34 14.89
N THR A 1154 0.18 29.33 18.21
CA THR A 1154 0.88 29.91 17.08
C THR A 1154 2.12 29.02 16.74
N PRO A 1155 1.95 27.76 16.18
CA PRO A 1155 3.02 26.81 15.86
C PRO A 1155 3.73 27.20 14.57
N SER A 1156 4.38 28.35 14.59
CA SER A 1156 5.06 28.84 13.41
C SER A 1156 6.16 27.87 13.05
N THR A 1157 6.34 27.67 11.74
CA THR A 1157 7.36 26.75 11.25
C THR A 1157 8.12 27.28 10.05
N VAL A 1158 8.94 26.41 9.49
CA VAL A 1158 9.81 26.74 8.37
C VAL A 1158 9.09 27.24 7.13
N TYR A 1159 7.88 26.79 6.87
CA TYR A 1159 7.18 27.20 5.67
C TYR A 1159 6.10 28.22 5.97
N SER A 1160 6.18 28.86 7.12
CA SER A 1160 5.19 29.85 7.49
C SER A 1160 5.51 31.21 6.86
N THR A 1161 6.64 31.26 6.18
CA THR A 1161 7.16 32.43 5.52
C THR A 1161 7.51 32.12 4.06
N PRO A 1162 7.38 33.09 3.14
CA PRO A 1162 7.80 32.97 1.75
C PRO A 1162 9.27 32.64 1.64
N GLU A 1163 10.03 32.91 2.70
CA GLU A 1163 11.47 32.68 2.75
C GLU A 1163 11.83 31.27 3.21
N GLY A 1164 10.82 30.44 3.38
CA GLY A 1164 10.93 29.07 3.87
C GLY A 1164 11.78 28.11 3.06
N TYR A 1165 12.23 28.50 1.87
CA TYR A 1165 13.06 27.65 1.03
C TYR A 1165 14.55 28.00 1.14
N ILE A 1166 14.87 28.98 2.00
CA ILE A 1166 16.24 29.50 2.09
C ILE A 1166 17.24 28.88 3.09
N HIS A 1167 16.84 28.52 4.32
CA HIS A 1167 17.83 28.12 5.34
C HIS A 1167 18.18 26.63 5.61
N GLN A 1168 17.56 25.67 4.87
CA GLN A 1168 17.82 24.22 4.97
C GLN A 1168 19.31 23.89 4.78
#